data_2JLX
#
_entry.id   2JLX
#
_cell.length_a   132.537
_cell.length_b   105.207
_cell.length_c   72.352
_cell.angle_alpha   90.00
_cell.angle_beta   117.62
_cell.angle_gamma   90.00
#
_symmetry.space_group_name_H-M   'C 1 2 1'
#
loop_
_entity.id
_entity.type
_entity.pdbx_description
1 polymer 'SERINE PROTEASE SUBUNIT NS3'
2 polymer "5'-R(*AP*GP*AP*CP*UP*AP*AP*CP*AP*AP*CP*U)-3'"
3 non-polymer "ADENOSINE-5'-DIPHOSPHATE"
4 non-polymer 'VANADATE ION'
5 non-polymer 'MANGANESE (II) ION'
6 non-polymer 'CHLORIDE ION'
7 water water
#
loop_
_entity_poly.entity_id
_entity_poly.type
_entity_poly.pdbx_seq_one_letter_code
_entity_poly.pdbx_strand_id
1 'polypeptide(L)'
;GSAMGEPDYEVDEDIFRKKRLTIMDLHPGAGKTKRILPSIVREALKRRLRTLILAPTRVVAAEMEEALRGLPIRYQTPAV
KSDHTGREIVDLMCHATFTTRLLSSTRVPNYNLIVMDEAHFTDPCSVAARGYISTRVEMGEAAAIFMTATPPGSIDPFPQ
SNSPIEDIEREIPERSWNTGFDWITDYQGKTVWFVPSIKAGNDIANCLRKSGKRVIQLSRKTFDTEYPKTKLTDWDFVVT
TDISEMGANFRAGRVIDPRRCLKPVILTDGPERVILAGPIPVTPASAAQRRGRIGRNPAQEDDQYVFSGDPLKNDEDHAH
WTEAKMLLDNIYTPEGIIPTLFGPEREKTQAIDGEFRLRGEQRKTFVELMRRGDLPVWLSYKVASAGISYKDREWCFTGE
RNNQILEENMEVEIWTREGEKKKLRPKWLDARVYADPMALKDFKEFASGRK
;
A,B
2 'polyribonucleotide' AGACUAACAACU C,D
#
# COMPACT_ATOMS: atom_id res chain seq x y z
N GLY A 1 -6.39 -16.20 -30.58
CA GLY A 1 -7.80 -15.91 -30.18
C GLY A 1 -7.99 -16.02 -28.67
N SER A 2 -9.13 -15.52 -28.19
CA SER A 2 -9.47 -15.65 -26.79
C SER A 2 -10.96 -15.82 -26.67
N ALA A 3 -11.43 -16.16 -25.47
CA ALA A 3 -12.83 -15.96 -25.16
C ALA A 3 -12.93 -14.59 -24.48
N MET A 4 -14.15 -14.17 -24.15
CA MET A 4 -14.34 -13.00 -23.29
C MET A 4 -13.60 -13.19 -21.95
N GLY A 5 -13.03 -12.11 -21.44
CA GLY A 5 -12.37 -12.17 -20.13
C GLY A 5 -10.90 -12.50 -20.16
N GLU A 6 -10.55 -13.56 -20.88
CA GLU A 6 -9.15 -14.02 -20.94
C GLU A 6 -8.37 -13.32 -22.05
N PRO A 7 -7.09 -13.02 -21.79
CA PRO A 7 -6.20 -12.37 -22.75
C PRO A 7 -5.94 -13.22 -24.01
N ASP A 8 -5.79 -12.57 -25.17
CA ASP A 8 -5.46 -13.27 -26.42
C ASP A 8 -4.09 -13.93 -26.31
N TYR A 9 -3.99 -15.15 -26.83
CA TYR A 9 -2.72 -15.88 -26.88
C TYR A 9 -1.81 -15.34 -27.99
N GLU A 10 -2.43 -14.65 -28.97
CA GLU A 10 -1.74 -14.08 -30.11
C GLU A 10 -1.58 -12.58 -29.94
N VAL A 11 -0.33 -12.11 -29.97
CA VAL A 11 -0.04 -10.69 -29.93
C VAL A 11 0.83 -10.30 -31.13
N ASP A 12 0.38 -9.26 -31.83
CA ASP A 12 1.03 -8.70 -33.01
C ASP A 12 2.49 -8.33 -32.72
N GLU A 13 3.42 -8.87 -33.51
CA GLU A 13 4.86 -8.54 -33.41
C GLU A 13 5.10 -7.06 -33.67
N ASP A 14 4.29 -6.50 -34.58
CA ASP A 14 4.34 -5.09 -35.00
C ASP A 14 4.46 -4.09 -33.84
N ILE A 15 3.75 -4.36 -32.74
CA ILE A 15 3.64 -3.40 -31.63
C ILE A 15 4.91 -3.23 -30.77
N PHE A 16 5.84 -4.18 -30.89
CA PHE A 16 7.08 -4.14 -30.09
C PHE A 16 8.25 -3.49 -30.86
N ARG A 17 8.00 -3.14 -32.12
CA ARG A 17 9.00 -2.49 -32.97
C ARG A 17 9.37 -1.11 -32.45
N LYS A 18 10.63 -0.96 -32.06
CA LYS A 18 11.23 0.36 -31.86
C LYS A 18 10.86 1.28 -33.02
N LYS A 19 10.53 2.54 -32.70
CA LYS A 19 9.99 3.52 -33.67
C LYS A 19 8.47 3.43 -33.91
N ARG A 20 7.82 2.40 -33.39
CA ARG A 20 6.37 2.26 -33.53
C ARG A 20 5.60 2.80 -32.31
N LEU A 21 4.66 3.69 -32.58
CA LEU A 21 3.70 4.11 -31.59
C LEU A 21 2.31 3.64 -32.04
N THR A 22 1.70 2.79 -31.23
CA THR A 22 0.39 2.23 -31.55
C THR A 22 -0.65 2.92 -30.71
N ILE A 23 -1.69 3.47 -31.34
CA ILE A 23 -2.84 3.96 -30.61
C ILE A 23 -3.95 2.92 -30.69
N MET A 24 -4.31 2.34 -29.54
CA MET A 24 -5.46 1.43 -29.48
C MET A 24 -6.67 2.22 -28.97
N ASP A 25 -7.51 2.65 -29.90
CA ASP A 25 -8.64 3.51 -29.57
C ASP A 25 -10.00 2.78 -29.47
N LEU A 26 -10.00 1.59 -28.89
CA LEU A 26 -11.24 0.81 -28.75
C LEU A 26 -12.24 1.47 -27.80
N HIS A 27 -13.52 1.28 -28.09
CA HIS A 27 -14.59 1.91 -27.29
C HIS A 27 -14.51 1.56 -25.80
N PRO A 28 -15.15 2.36 -24.91
CA PRO A 28 -15.06 2.03 -23.48
C PRO A 28 -15.70 0.67 -23.19
N GLY A 29 -15.02 -0.09 -22.34
CA GLY A 29 -15.46 -1.44 -21.97
C GLY A 29 -15.00 -2.54 -22.91
N ALA A 30 -14.24 -2.17 -23.94
CA ALA A 30 -13.76 -3.13 -24.94
C ALA A 30 -12.78 -4.16 -24.36
N GLY A 31 -12.10 -3.81 -23.27
CA GLY A 31 -11.16 -4.73 -22.63
C GLY A 31 -9.72 -4.31 -22.78
N LYS A 32 -9.47 -3.00 -22.85
CA LYS A 32 -8.13 -2.48 -23.05
C LYS A 32 -7.25 -2.76 -21.83
N THR A 33 -7.76 -2.44 -20.65
CA THR A 33 -7.00 -2.56 -19.41
C THR A 33 -6.94 -4.01 -18.95
N LYS A 34 -8.05 -4.74 -19.08
CA LYS A 34 -8.17 -6.05 -18.44
C LYS A 34 -8.08 -7.27 -19.36
N ARG A 35 -7.98 -7.05 -20.66
CA ARG A 35 -7.78 -8.17 -21.55
C ARG A 35 -6.57 -7.92 -22.43
N ILE A 36 -6.51 -6.76 -23.05
CA ILE A 36 -5.45 -6.44 -24.00
C ILE A 36 -4.10 -6.23 -23.31
N LEU A 37 -4.07 -5.36 -22.30
CA LEU A 37 -2.87 -5.12 -21.48
C LEU A 37 -2.15 -6.39 -20.94
N PRO A 38 -2.88 -7.31 -20.28
CA PRO A 38 -2.22 -8.56 -19.86
C PRO A 38 -1.55 -9.36 -20.99
N SER A 39 -2.17 -9.40 -22.17
CA SER A 39 -1.58 -10.04 -23.35
C SER A 39 -0.26 -9.39 -23.74
N ILE A 40 -0.24 -8.07 -23.73
CA ILE A 40 0.96 -7.32 -24.08
C ILE A 40 2.05 -7.58 -23.04
N VAL A 41 1.69 -7.51 -21.76
CA VAL A 41 2.66 -7.70 -20.68
C VAL A 41 3.30 -9.09 -20.71
N ARG A 42 2.47 -10.13 -20.79
CA ARG A 42 2.96 -11.51 -20.96
C ARG A 42 3.94 -11.62 -22.14
N GLU A 43 3.56 -11.08 -23.28
CA GLU A 43 4.40 -11.13 -24.48
C GLU A 43 5.68 -10.30 -24.33
N ALA A 44 5.60 -9.12 -23.72
CA ALA A 44 6.81 -8.31 -23.44
C ALA A 44 7.77 -9.00 -22.48
N LEU A 45 7.21 -9.76 -21.54
CA LEU A 45 8.00 -10.56 -20.61
C LEU A 45 8.79 -11.66 -21.33
N LYS A 46 8.14 -12.34 -22.28
CA LYS A 46 8.78 -13.36 -23.11
C LYS A 46 9.91 -12.78 -23.97
N ARG A 47 9.74 -11.53 -24.40
CA ARG A 47 10.73 -10.87 -25.24
C ARG A 47 11.78 -10.16 -24.39
N ARG A 48 11.65 -10.29 -23.07
CA ARG A 48 12.52 -9.66 -22.08
C ARG A 48 12.67 -8.15 -22.31
N LEU A 49 11.56 -7.50 -22.63
CA LEU A 49 11.56 -6.05 -22.82
C LEU A 49 11.40 -5.31 -21.48
N ARG A 50 12.27 -4.33 -21.23
CA ARG A 50 12.13 -3.44 -20.09
C ARG A 50 10.89 -2.55 -20.31
N THR A 51 9.85 -2.78 -19.54
CA THR A 51 8.53 -2.25 -19.82
C THR A 51 8.03 -1.34 -18.72
N LEU A 52 7.29 -0.31 -19.11
CA LEU A 52 6.65 0.63 -18.21
C LEU A 52 5.17 0.72 -18.52
N ILE A 53 4.33 0.48 -17.52
CA ILE A 53 2.88 0.63 -17.65
C ILE A 53 2.44 1.87 -16.84
N LEU A 54 1.67 2.75 -17.46
CA LEU A 54 1.27 3.99 -16.81
C LEU A 54 -0.23 4.12 -16.72
N ALA A 55 -0.71 4.39 -15.51
CA ALA A 55 -2.13 4.65 -15.22
C ALA A 55 -2.33 6.11 -14.86
N PRO A 56 -3.45 6.72 -15.30
CA PRO A 56 -3.70 8.13 -14.91
C PRO A 56 -3.94 8.34 -13.42
N THR A 57 -4.65 7.41 -12.79
CA THR A 57 -5.11 7.56 -11.43
C THR A 57 -4.99 6.20 -10.74
N ARG A 58 -5.08 6.21 -9.40
CA ARG A 58 -5.04 4.98 -8.60
C ARG A 58 -6.20 4.02 -8.89
N VAL A 59 -7.31 4.58 -9.38
CA VAL A 59 -8.46 3.80 -9.82
C VAL A 59 -8.09 2.86 -10.97
N VAL A 60 -7.48 3.43 -12.00
CA VAL A 60 -7.00 2.64 -13.15
C VAL A 60 -5.88 1.67 -12.72
N ALA A 61 -4.98 2.12 -11.85
CA ALA A 61 -3.92 1.25 -11.29
C ALA A 61 -4.48 0.01 -10.60
N ALA A 62 -5.53 0.21 -9.79
CA ALA A 62 -6.25 -0.86 -9.09
C ALA A 62 -6.96 -1.84 -10.03
N GLU A 63 -7.51 -1.32 -11.13
CA GLU A 63 -8.11 -2.15 -12.17
C GLU A 63 -7.04 -2.98 -12.93
N MET A 64 -5.89 -2.37 -13.21
CA MET A 64 -4.75 -3.06 -13.84
C MET A 64 -4.23 -4.22 -12.98
N GLU A 65 -4.02 -3.95 -11.69
CA GLU A 65 -3.56 -4.95 -10.74
C GLU A 65 -4.45 -6.20 -10.72
N GLU A 66 -5.77 -6.00 -10.74
CA GLU A 66 -6.73 -7.12 -10.82
C GLU A 66 -6.49 -7.99 -12.06
N ALA A 67 -6.17 -7.35 -13.20
CA ALA A 67 -5.95 -8.04 -14.47
C ALA A 67 -4.55 -8.63 -14.62
N LEU A 68 -3.57 -8.00 -13.97
CA LEU A 68 -2.19 -8.41 -14.09
C LEU A 68 -1.74 -9.27 -12.91
N ARG A 69 -2.66 -9.56 -12.01
CA ARG A 69 -2.36 -10.29 -10.78
C ARG A 69 -1.71 -11.64 -11.05
N GLY A 70 -0.53 -11.87 -10.46
CA GLY A 70 0.22 -13.10 -10.64
C GLY A 70 1.48 -12.94 -11.49
N LEU A 71 1.59 -11.81 -12.19
CA LEU A 71 2.75 -11.52 -13.03
C LEU A 71 3.82 -10.70 -12.29
N PRO A 72 5.12 -10.91 -12.62
CA PRO A 72 6.24 -10.21 -11.95
C PRO A 72 6.34 -8.71 -12.32
N ILE A 73 5.56 -7.89 -11.63
CA ILE A 73 5.46 -6.45 -11.89
C ILE A 73 5.82 -5.67 -10.62
N ARG A 74 6.68 -4.66 -10.77
CA ARG A 74 7.01 -3.74 -9.68
C ARG A 74 6.02 -2.56 -9.71
N TYR A 75 5.10 -2.55 -8.74
CA TYR A 75 4.10 -1.48 -8.64
C TYR A 75 4.65 -0.28 -7.88
N GLN A 76 4.68 0.87 -8.54
CA GLN A 76 5.20 2.07 -7.91
C GLN A 76 4.06 3.07 -7.64
N THR A 77 3.08 2.58 -6.88
CA THR A 77 1.90 3.34 -6.51
C THR A 77 1.32 2.81 -5.20
N PRO A 78 0.94 3.72 -4.30
CA PRO A 78 0.23 3.35 -3.07
C PRO A 78 -1.16 2.73 -3.30
N ALA A 79 -1.56 2.52 -4.54
CA ALA A 79 -2.83 1.83 -4.78
C ALA A 79 -2.62 0.32 -4.71
N VAL A 80 -1.38 -0.10 -4.93
CA VAL A 80 -1.04 -1.51 -4.96
C VAL A 80 0.12 -1.80 -4.02
N LYS A 81 -0.11 -2.72 -3.08
CA LYS A 81 0.93 -3.18 -2.17
C LYS A 81 1.39 -4.56 -2.60
N SER A 82 2.69 -4.68 -2.90
CA SER A 82 3.19 -5.91 -3.50
C SER A 82 4.64 -6.25 -3.16
N ASP A 83 4.92 -7.56 -3.15
CA ASP A 83 6.27 -8.10 -3.10
C ASP A 83 7.02 -7.64 -4.33
N HIS A 84 7.98 -6.75 -4.14
CA HIS A 84 8.91 -6.41 -5.22
C HIS A 84 10.23 -7.19 -5.04
N THR A 85 10.47 -8.11 -5.95
CA THR A 85 11.64 -9.00 -5.92
C THR A 85 12.92 -8.22 -6.25
N GLY A 86 12.77 -7.08 -6.91
CA GLY A 86 13.90 -6.26 -7.33
C GLY A 86 14.43 -6.67 -8.70
N ARG A 87 13.98 -7.83 -9.17
CA ARG A 87 14.43 -8.36 -10.46
C ARG A 87 13.34 -8.33 -11.52
N GLU A 88 12.31 -7.51 -11.27
CA GLU A 88 11.24 -7.28 -12.25
C GLU A 88 11.74 -6.37 -13.36
N ILE A 89 11.29 -6.64 -14.58
CA ILE A 89 11.58 -5.77 -15.72
C ILE A 89 10.34 -4.97 -16.17
N VAL A 90 9.22 -5.20 -15.49
CA VAL A 90 7.97 -4.45 -15.72
C VAL A 90 7.73 -3.51 -14.52
N ASP A 91 7.62 -2.21 -14.81
CA ASP A 91 7.25 -1.17 -13.81
C ASP A 91 5.85 -0.66 -14.09
N LEU A 92 5.10 -0.39 -13.03
CA LEU A 92 3.76 0.17 -13.16
C LEU A 92 3.66 1.38 -12.23
N MET A 93 3.23 2.52 -12.79
CA MET A 93 3.07 3.72 -11.99
C MET A 93 2.05 4.67 -12.59
N CYS A 94 1.75 5.74 -11.87
CA CYS A 94 0.85 6.73 -12.41
C CYS A 94 1.57 7.65 -13.37
N HIS A 95 0.83 8.28 -14.28
CA HIS A 95 1.38 9.23 -15.27
C HIS A 95 2.24 10.31 -14.63
N ALA A 96 1.72 10.93 -13.58
CA ALA A 96 2.40 12.06 -12.90
C ALA A 96 3.62 11.60 -12.11
N THR A 97 3.56 10.36 -11.63
CA THR A 97 4.70 9.75 -10.93
C THR A 97 5.90 9.66 -11.88
N PHE A 98 5.62 9.33 -13.14
CA PHE A 98 6.65 9.15 -14.14
C PHE A 98 7.29 10.48 -14.53
N THR A 99 6.47 11.50 -14.74
CA THR A 99 6.94 12.85 -15.03
C THR A 99 7.79 13.39 -13.87
N THR A 100 7.30 13.20 -12.65
CA THR A 100 8.05 13.52 -11.43
C THR A 100 9.44 12.88 -11.46
N ARG A 101 9.50 11.59 -11.80
CA ARG A 101 10.77 10.85 -11.89
C ARG A 101 11.68 11.43 -12.97
N LEU A 102 11.09 11.73 -14.13
CA LEU A 102 11.79 12.39 -15.22
C LEU A 102 12.39 13.73 -14.83
N LEU A 103 11.74 14.44 -13.91
CA LEU A 103 12.20 15.79 -13.50
C LEU A 103 13.19 15.77 -12.35
N SER A 104 13.27 14.64 -11.66
CA SER A 104 14.04 14.53 -10.42
C SER A 104 15.44 13.99 -10.66
N SER A 105 16.31 14.15 -9.66
CA SER A 105 17.72 13.73 -9.70
C SER A 105 17.91 12.32 -10.24
N THR A 106 17.08 11.40 -9.73
CA THR A 106 17.20 9.98 -10.06
C THR A 106 16.87 9.70 -11.51
N ARG A 107 17.55 8.68 -12.02
CA ARG A 107 17.50 8.28 -13.41
C ARG A 107 16.38 7.26 -13.64
N VAL A 108 15.63 7.49 -14.70
CA VAL A 108 14.59 6.58 -15.16
C VAL A 108 15.25 5.42 -15.93
N PRO A 109 14.72 4.18 -15.76
CA PRO A 109 15.18 3.04 -16.58
C PRO A 109 14.97 3.31 -18.05
N ASN A 110 15.86 2.79 -18.89
CA ASN A 110 15.72 2.96 -20.33
C ASN A 110 14.74 1.94 -20.87
N TYR A 111 13.45 2.27 -20.80
CA TYR A 111 12.39 1.34 -21.19
C TYR A 111 12.38 1.06 -22.71
N ASN A 112 12.26 -0.23 -23.03
CA ASN A 112 12.14 -0.70 -24.40
C ASN A 112 10.71 -0.53 -24.88
N LEU A 113 9.77 -0.71 -23.97
CA LEU A 113 8.34 -0.64 -24.28
C LEU A 113 7.62 0.20 -23.22
N ILE A 114 6.76 1.10 -23.68
CA ILE A 114 5.97 1.90 -22.75
C ILE A 114 4.51 1.81 -23.12
N VAL A 115 3.69 1.43 -22.15
CA VAL A 115 2.23 1.32 -22.33
C VAL A 115 1.54 2.39 -21.47
N MET A 116 0.88 3.34 -22.12
CA MET A 116 0.14 4.34 -21.40
C MET A 116 -1.34 4.13 -21.57
N ASP A 117 -2.00 3.71 -20.49
CA ASP A 117 -3.45 3.63 -20.47
C ASP A 117 -4.03 5.02 -20.25
N GLU A 118 -5.18 5.28 -20.88
CA GLU A 118 -5.86 6.58 -20.88
C GLU A 118 -4.93 7.68 -21.33
N ALA A 119 -4.42 7.51 -22.55
CA ALA A 119 -3.42 8.41 -23.13
C ALA A 119 -3.98 9.73 -23.65
N HIS A 120 -5.24 10.02 -23.34
CA HIS A 120 -5.88 11.30 -23.66
C HIS A 120 -5.88 12.26 -22.45
N PHE A 121 -5.60 11.71 -21.27
CA PHE A 121 -5.58 12.43 -20.00
C PHE A 121 -4.85 13.79 -20.14
N THR A 122 -5.57 14.90 -19.88
CA THR A 122 -5.03 16.24 -20.11
C THR A 122 -4.34 16.89 -18.91
N ASP A 123 -4.21 16.14 -17.81
CA ASP A 123 -3.30 16.51 -16.73
C ASP A 123 -1.96 16.94 -17.34
N PRO A 124 -1.38 18.08 -16.90
CA PRO A 124 -0.13 18.57 -17.48
C PRO A 124 1.06 17.61 -17.41
N CYS A 125 1.15 16.82 -16.34
CA CYS A 125 2.19 15.80 -16.19
C CYS A 125 1.98 14.67 -17.19
N SER A 126 0.73 14.39 -17.52
CA SER A 126 0.35 13.32 -18.44
C SER A 126 0.72 13.70 -19.87
N VAL A 127 0.35 14.92 -20.26
CA VAL A 127 0.74 15.50 -21.55
C VAL A 127 2.27 15.55 -21.72
N ALA A 128 2.97 15.95 -20.65
CA ALA A 128 4.43 16.00 -20.66
C ALA A 128 5.04 14.61 -20.83
N ALA A 129 4.51 13.64 -20.08
CA ALA A 129 4.94 12.25 -20.21
C ALA A 129 4.74 11.74 -21.63
N ARG A 130 3.64 12.12 -22.27
CA ARG A 130 3.40 11.72 -23.67
C ARG A 130 4.40 12.33 -24.63
N GLY A 131 4.87 13.54 -24.32
CA GLY A 131 5.90 14.21 -25.09
C GLY A 131 7.20 13.44 -25.04
N TYR A 132 7.56 12.99 -23.84
CA TYR A 132 8.80 12.28 -23.63
C TYR A 132 8.77 10.92 -24.31
N ILE A 133 7.68 10.18 -24.14
CA ILE A 133 7.52 8.86 -24.74
C ILE A 133 7.55 8.90 -26.29
N SER A 134 6.83 9.83 -26.89
CA SER A 134 6.83 9.94 -28.34
C SER A 134 8.19 10.37 -28.91
N THR A 135 8.98 11.09 -28.11
CA THR A 135 10.34 11.42 -28.52
C THR A 135 11.27 10.21 -28.42
N ARG A 136 11.05 9.36 -27.42
CA ARG A 136 11.82 8.12 -27.28
C ARG A 136 11.56 7.15 -28.43
N VAL A 137 10.30 7.04 -28.83
CA VAL A 137 9.88 6.24 -29.98
C VAL A 137 10.51 6.78 -31.28
N GLU A 138 10.35 8.07 -31.55
CA GLU A 138 10.96 8.69 -32.73
C GLU A 138 12.47 8.47 -32.81
N MET A 139 13.14 8.52 -31.66
CA MET A 139 14.58 8.34 -31.57
C MET A 139 14.97 6.87 -31.74
N GLY A 140 13.97 5.99 -31.88
CA GLY A 140 14.19 4.55 -32.03
C GLY A 140 14.61 3.86 -30.76
N GLU A 141 14.39 4.52 -29.62
CA GLU A 141 14.80 3.98 -28.34
C GLU A 141 13.72 3.10 -27.71
N ALA A 142 12.49 3.25 -28.19
CA ALA A 142 11.36 2.56 -27.58
C ALA A 142 10.25 2.27 -28.58
N ALA A 143 9.38 1.36 -28.21
CA ALA A 143 8.07 1.21 -28.83
C ALA A 143 7.04 1.60 -27.76
N ALA A 144 5.94 2.21 -28.20
CA ALA A 144 4.93 2.63 -27.25
C ALA A 144 3.53 2.26 -27.70
N ILE A 145 2.67 2.06 -26.71
CA ILE A 145 1.28 1.83 -26.97
C ILE A 145 0.49 2.83 -26.13
N PHE A 146 -0.29 3.68 -26.79
CA PHE A 146 -1.20 4.60 -26.15
C PHE A 146 -2.63 4.03 -26.22
N MET A 147 -3.22 3.71 -25.08
CA MET A 147 -4.56 3.15 -25.04
C MET A 147 -5.57 4.21 -24.58
N THR A 148 -6.56 4.46 -25.42
CA THR A 148 -7.60 5.42 -25.09
C THR A 148 -8.81 5.27 -25.99
N ALA A 149 -9.99 5.21 -25.37
CA ALA A 149 -11.27 5.25 -26.05
C ALA A 149 -11.57 6.61 -26.66
N THR A 150 -10.85 7.63 -26.22
CA THR A 150 -11.12 8.99 -26.66
C THR A 150 -9.80 9.71 -27.01
N PRO A 151 -9.13 9.26 -28.09
CA PRO A 151 -7.84 9.84 -28.47
C PRO A 151 -7.97 11.29 -28.93
N PRO A 152 -6.88 12.05 -28.86
CA PRO A 152 -6.93 13.47 -29.28
C PRO A 152 -7.71 13.64 -30.59
N GLY A 153 -8.62 14.62 -30.61
CA GLY A 153 -9.50 14.85 -31.76
C GLY A 153 -10.88 14.20 -31.65
N SER A 154 -11.18 13.60 -30.51
CA SER A 154 -12.48 12.97 -30.27
C SER A 154 -13.51 14.02 -29.93
N ILE A 155 -14.68 13.93 -30.55
CA ILE A 155 -15.72 14.91 -30.35
C ILE A 155 -17.10 14.30 -30.09
N ASP A 156 -17.18 12.97 -30.15
CA ASP A 156 -18.46 12.26 -29.92
C ASP A 156 -18.59 11.90 -28.44
N PRO A 157 -19.57 12.52 -27.74
CA PRO A 157 -19.76 12.19 -26.32
C PRO A 157 -20.50 10.85 -26.10
N PHE A 158 -20.99 10.25 -27.18
CA PHE A 158 -21.79 9.04 -27.06
C PHE A 158 -21.23 7.87 -27.86
N PRO A 159 -20.02 7.40 -27.53
CA PRO A 159 -19.47 6.34 -28.36
C PRO A 159 -20.11 4.96 -28.12
N GLN A 160 -19.55 3.97 -28.80
CA GLN A 160 -19.99 2.59 -28.71
C GLN A 160 -19.79 2.08 -27.30
N SER A 161 -20.73 1.27 -26.85
CA SER A 161 -20.71 0.60 -25.56
C SER A 161 -21.04 -0.89 -25.73
N ASN A 162 -20.69 -1.70 -24.73
CA ASN A 162 -20.97 -3.16 -24.75
C ASN A 162 -22.45 -3.48 -24.72
N SER A 163 -23.22 -2.57 -24.13
CA SER A 163 -24.66 -2.74 -23.91
C SER A 163 -25.38 -1.42 -24.19
N PRO A 164 -26.65 -1.47 -24.66
CA PRO A 164 -27.38 -0.22 -24.96
C PRO A 164 -27.41 0.76 -23.78
N ILE A 165 -27.24 2.05 -24.05
CA ILE A 165 -27.34 3.10 -23.02
C ILE A 165 -28.54 4.01 -23.31
N GLU A 166 -29.40 4.19 -22.30
CA GLU A 166 -30.44 5.19 -22.39
C GLU A 166 -29.88 6.56 -21.97
N ASP A 167 -29.63 7.43 -22.94
CA ASP A 167 -29.12 8.79 -22.69
C ASP A 167 -30.29 9.75 -22.41
N ILE A 168 -30.26 10.36 -21.22
CA ILE A 168 -31.35 11.24 -20.75
C ILE A 168 -30.80 12.61 -20.38
N GLU A 169 -31.37 13.66 -20.94
CA GLU A 169 -31.07 15.01 -20.49
C GLU A 169 -32.13 15.49 -19.50
N ARG A 170 -31.67 15.87 -18.31
CA ARG A 170 -32.50 16.37 -17.22
C ARG A 170 -31.67 17.43 -16.49
N GLU A 171 -32.33 18.30 -15.74
CA GLU A 171 -31.63 19.19 -14.82
C GLU A 171 -31.08 18.38 -13.65
N ILE A 172 -29.82 18.64 -13.31
CA ILE A 172 -29.10 17.94 -12.26
C ILE A 172 -28.69 18.97 -11.19
N PRO A 173 -28.97 18.66 -9.91
CA PRO A 173 -28.66 19.63 -8.86
C PRO A 173 -27.15 19.72 -8.57
N GLU A 174 -26.68 20.94 -8.32
CA GLU A 174 -25.28 21.25 -8.01
C GLU A 174 -25.03 21.24 -6.50
N ARG A 175 -26.10 21.42 -5.74
CA ARG A 175 -26.07 21.52 -4.28
C ARG A 175 -27.15 20.63 -3.67
N SER A 176 -27.29 20.70 -2.34
CA SER A 176 -28.39 20.03 -1.65
C SER A 176 -29.72 20.47 -2.22
N TRP A 177 -30.71 19.58 -2.17
CA TRP A 177 -32.09 19.90 -2.55
C TRP A 177 -33.04 19.27 -1.54
N ASN A 178 -34.20 19.89 -1.34
CA ASN A 178 -35.16 19.39 -0.38
C ASN A 178 -36.35 18.72 -1.05
N THR A 179 -36.59 19.11 -2.31
CA THR A 179 -37.70 18.61 -3.13
C THR A 179 -37.34 18.70 -4.61
N GLY A 180 -38.22 18.18 -5.46
CA GLY A 180 -38.13 18.39 -6.92
C GLY A 180 -37.30 17.42 -7.74
N PHE A 181 -36.44 16.64 -7.09
CA PHE A 181 -35.57 15.71 -7.81
C PHE A 181 -35.78 14.25 -7.38
N ASP A 182 -37.05 13.84 -7.35
CA ASP A 182 -37.46 12.51 -6.91
C ASP A 182 -36.82 11.38 -7.73
N TRP A 183 -36.66 11.64 -9.03
CA TRP A 183 -36.06 10.70 -9.97
C TRP A 183 -34.69 10.18 -9.53
N ILE A 184 -33.98 11.00 -8.75
CA ILE A 184 -32.66 10.65 -8.22
C ILE A 184 -32.75 9.53 -7.17
N THR A 185 -33.75 9.63 -6.30
CA THR A 185 -33.85 8.74 -5.16
C THR A 185 -34.84 7.58 -5.37
N ASP A 186 -35.73 7.72 -6.37
CA ASP A 186 -36.69 6.68 -6.72
C ASP A 186 -36.09 5.54 -7.54
N TYR A 187 -34.94 5.82 -8.17
CA TYR A 187 -34.22 4.83 -8.98
C TYR A 187 -33.79 3.62 -8.14
N GLN A 188 -33.95 2.42 -8.70
CA GLN A 188 -33.77 1.17 -7.96
C GLN A 188 -32.32 0.69 -7.87
N GLY A 189 -31.56 0.88 -8.95
CA GLY A 189 -30.21 0.32 -9.03
C GLY A 189 -29.07 1.15 -8.45
N LYS A 190 -27.89 1.02 -9.05
CA LYS A 190 -26.68 1.63 -8.54
C LYS A 190 -26.25 2.82 -9.40
N THR A 191 -25.96 3.95 -8.75
CA THR A 191 -25.67 5.20 -9.43
C THR A 191 -24.25 5.73 -9.16
N VAL A 192 -23.58 6.15 -10.23
CA VAL A 192 -22.33 6.88 -10.13
C VAL A 192 -22.58 8.36 -10.50
N TRP A 193 -22.32 9.26 -9.55
CA TRP A 193 -22.58 10.69 -9.73
C TRP A 193 -21.25 11.42 -9.75
N PHE A 194 -20.94 12.07 -10.87
CA PHE A 194 -19.72 12.86 -10.95
C PHE A 194 -19.90 14.30 -10.45
N VAL A 195 -19.01 14.73 -9.56
CA VAL A 195 -19.07 16.06 -8.97
C VAL A 195 -17.78 16.82 -9.29
N PRO A 196 -17.87 18.14 -9.51
CA PRO A 196 -16.69 18.93 -9.84
C PRO A 196 -15.67 19.10 -8.70
N SER A 197 -16.09 18.85 -7.46
CA SER A 197 -15.22 19.06 -6.30
C SER A 197 -15.54 18.12 -5.14
N ILE A 198 -14.59 17.99 -4.20
CA ILE A 198 -14.79 17.17 -3.00
C ILE A 198 -15.88 17.82 -2.14
N LYS A 199 -15.80 19.13 -2.05
CA LYS A 199 -16.76 19.93 -1.30
C LYS A 199 -18.20 19.70 -1.79
N ALA A 200 -18.39 19.77 -3.10
CA ALA A 200 -19.70 19.57 -3.71
C ALA A 200 -20.17 18.13 -3.51
N GLY A 201 -19.20 17.21 -3.52
CA GLY A 201 -19.46 15.81 -3.23
C GLY A 201 -19.98 15.59 -1.84
N ASN A 202 -19.35 16.25 -0.86
CA ASN A 202 -19.76 16.18 0.55
C ASN A 202 -21.22 16.61 0.76
N ASP A 203 -21.57 17.74 0.17
CA ASP A 203 -22.94 18.27 0.18
C ASP A 203 -23.95 17.26 -0.36
N ILE A 204 -23.70 16.78 -1.57
CA ILE A 204 -24.60 15.87 -2.27
C ILE A 204 -24.74 14.53 -1.54
N ALA A 205 -23.61 13.97 -1.11
CA ALA A 205 -23.59 12.68 -0.40
C ALA A 205 -24.34 12.76 0.92
N ASN A 206 -24.22 13.91 1.59
CA ASN A 206 -24.94 14.21 2.82
C ASN A 206 -26.45 14.14 2.57
N CYS A 207 -26.87 14.74 1.46
CA CYS A 207 -28.27 14.85 1.07
C CYS A 207 -28.88 13.48 0.78
N LEU A 208 -28.13 12.62 0.10
CA LEU A 208 -28.60 11.27 -0.20
C LEU A 208 -28.64 10.38 1.04
N ARG A 209 -27.73 10.58 1.98
CA ARG A 209 -27.67 9.80 3.22
C ARG A 209 -28.92 9.95 4.08
N LYS A 210 -29.42 11.18 4.19
CA LYS A 210 -30.67 11.43 4.94
C LYS A 210 -31.92 11.05 4.14
N SER A 211 -31.72 10.40 3.00
CA SER A 211 -32.82 9.79 2.26
C SER A 211 -32.72 8.26 2.34
N GLY A 212 -31.85 7.78 3.24
CA GLY A 212 -31.69 6.34 3.49
C GLY A 212 -30.82 5.64 2.47
N LYS A 213 -30.04 6.42 1.72
CA LYS A 213 -29.15 5.86 0.70
C LYS A 213 -27.76 5.58 1.23
N ARG A 214 -27.26 4.39 0.92
CA ARG A 214 -25.87 4.02 1.20
C ARG A 214 -24.97 4.65 0.15
N VAL A 215 -24.10 5.56 0.62
CA VAL A 215 -23.30 6.40 -0.26
C VAL A 215 -21.80 6.28 -0.01
N ILE A 216 -21.06 5.89 -1.04
CA ILE A 216 -19.60 5.88 -0.98
C ILE A 216 -19.08 7.13 -1.69
N GLN A 217 -18.29 7.93 -0.98
CA GLN A 217 -17.62 9.08 -1.57
C GLN A 217 -16.22 8.70 -2.02
N LEU A 218 -15.89 9.10 -3.25
CA LEU A 218 -14.62 8.73 -3.85
C LEU A 218 -13.88 9.97 -4.34
N SER A 219 -12.62 10.08 -3.94
CA SER A 219 -11.74 11.18 -4.35
C SER A 219 -10.33 10.80 -3.97
N ARG A 220 -9.36 11.67 -4.29
CA ARG A 220 -7.98 11.46 -3.88
C ARG A 220 -7.85 11.19 -2.37
N LYS A 221 -8.72 11.82 -1.59
CA LYS A 221 -8.62 11.80 -0.13
C LYS A 221 -9.22 10.56 0.50
N THR A 222 -10.18 9.95 -0.19
CA THR A 222 -10.91 8.80 0.34
C THR A 222 -10.68 7.51 -0.45
N PHE A 223 -9.84 7.57 -1.47
CA PHE A 223 -9.63 6.40 -2.35
C PHE A 223 -9.24 5.10 -1.60
N ASP A 224 -8.18 5.17 -0.80
CA ASP A 224 -7.60 3.98 -0.15
C ASP A 224 -8.62 3.18 0.65
N THR A 225 -9.47 3.90 1.35
CA THR A 225 -10.50 3.33 2.18
C THR A 225 -11.76 2.95 1.39
N GLU A 226 -12.16 3.83 0.48
CA GLU A 226 -13.48 3.71 -0.16
C GLU A 226 -13.56 2.90 -1.46
N TYR A 227 -12.44 2.75 -2.17
CA TYR A 227 -12.47 2.03 -3.45
C TYR A 227 -12.82 0.55 -3.31
N PRO A 228 -12.20 -0.17 -2.35
CA PRO A 228 -12.56 -1.58 -2.17
C PRO A 228 -14.03 -1.76 -1.78
N LYS A 229 -14.65 -0.76 -1.17
CA LYS A 229 -16.07 -0.77 -0.84
C LYS A 229 -16.97 -0.76 -2.08
N THR A 230 -16.46 -0.20 -3.18
CA THR A 230 -17.23 -0.20 -4.43
C THR A 230 -17.14 -1.55 -5.14
N LYS A 231 -16.16 -2.36 -4.74
CA LYS A 231 -15.90 -3.67 -5.31
C LYS A 231 -16.63 -4.75 -4.52
N LEU A 232 -16.15 -5.00 -3.30
CA LEU A 232 -16.59 -6.13 -2.45
C LEU A 232 -17.93 -5.94 -1.75
N THR A 233 -18.34 -4.68 -1.57
CA THR A 233 -19.60 -4.35 -0.86
C THR A 233 -20.72 -4.05 -1.86
N ASP A 234 -21.96 -4.01 -1.36
CA ASP A 234 -23.12 -3.50 -2.11
C ASP A 234 -23.55 -2.13 -1.58
N TRP A 235 -23.85 -1.23 -2.52
CA TRP A 235 -24.09 0.20 -2.23
C TRP A 235 -25.18 0.76 -3.13
N ASP A 236 -25.61 1.99 -2.84
CA ASP A 236 -26.61 2.69 -3.68
C ASP A 236 -25.99 3.75 -4.58
N PHE A 237 -25.20 4.65 -3.99
CA PHE A 237 -24.55 5.72 -4.73
C PHE A 237 -23.04 5.71 -4.56
N VAL A 238 -22.32 5.98 -5.64
CA VAL A 238 -20.94 6.43 -5.56
C VAL A 238 -20.92 7.87 -5.99
N VAL A 239 -20.63 8.77 -5.06
CA VAL A 239 -20.44 10.17 -5.42
C VAL A 239 -18.94 10.38 -5.59
N THR A 240 -18.53 10.75 -6.80
CA THR A 240 -17.12 10.70 -7.16
C THR A 240 -16.63 11.94 -7.91
N THR A 241 -15.38 12.30 -7.68
CA THR A 241 -14.67 13.27 -8.54
C THR A 241 -14.16 12.55 -9.78
N ASP A 242 -13.40 13.27 -10.61
CA ASP A 242 -12.75 12.71 -11.80
C ASP A 242 -11.73 11.61 -11.56
N ILE A 243 -11.45 11.27 -10.31
CA ILE A 243 -10.58 10.13 -10.02
C ILE A 243 -11.14 8.87 -10.70
N SER A 244 -12.46 8.85 -10.88
CA SER A 244 -13.20 7.71 -11.43
C SER A 244 -13.66 7.89 -12.86
N GLU A 245 -13.31 9.02 -13.46
CA GLU A 245 -13.73 9.31 -14.82
C GLU A 245 -13.30 8.21 -15.79
N MET A 246 -12.07 7.72 -15.64
CA MET A 246 -11.54 6.69 -16.52
C MET A 246 -11.36 5.37 -15.81
N GLY A 247 -11.39 4.29 -16.60
CA GLY A 247 -10.99 2.97 -16.14
C GLY A 247 -11.94 2.19 -15.26
N ALA A 248 -12.61 2.88 -14.33
CA ALA A 248 -13.45 2.26 -13.30
C ALA A 248 -14.52 1.28 -13.81
N ASN A 249 -14.59 0.12 -13.17
CA ASN A 249 -15.64 -0.87 -13.40
C ASN A 249 -16.53 -0.99 -12.15
N PHE A 250 -17.51 -0.09 -12.07
CA PHE A 250 -18.37 0.01 -10.89
C PHE A 250 -19.50 -1.03 -10.84
N ARG A 251 -19.82 -1.62 -11.98
CA ARG A 251 -20.99 -2.53 -12.16
C ARG A 251 -22.27 -1.83 -11.73
N ALA A 252 -22.41 -0.58 -12.17
CA ALA A 252 -23.55 0.25 -11.83
C ALA A 252 -24.60 0.25 -12.94
N GLY A 253 -25.78 0.79 -12.63
CA GLY A 253 -26.86 0.89 -13.60
C GLY A 253 -27.00 2.27 -14.23
N ARG A 254 -26.56 3.30 -13.51
CA ARG A 254 -26.81 4.70 -13.91
C ARG A 254 -25.63 5.63 -13.63
N VAL A 255 -25.30 6.47 -14.60
CA VAL A 255 -24.40 7.60 -14.37
C VAL A 255 -25.18 8.93 -14.38
N ILE A 256 -24.91 9.78 -13.38
CA ILE A 256 -25.39 11.16 -13.35
C ILE A 256 -24.20 12.07 -13.63
N ASP A 257 -24.29 12.86 -14.68
CA ASP A 257 -23.15 13.67 -15.06
C ASP A 257 -23.58 15.10 -15.42
N PRO A 258 -23.37 16.05 -14.49
CA PRO A 258 -23.72 17.45 -14.75
C PRO A 258 -22.86 18.06 -15.84
N ARG A 259 -21.78 17.36 -16.22
CA ARG A 259 -20.90 17.80 -17.32
C ARG A 259 -20.30 19.19 -17.05
N ARG A 260 -20.01 19.46 -15.79
CA ARG A 260 -19.41 20.72 -15.36
C ARG A 260 -18.07 20.48 -14.70
N CYS A 261 -17.19 21.47 -14.78
CA CYS A 261 -15.90 21.42 -14.09
C CYS A 261 -15.40 22.85 -13.87
N LEU A 262 -14.53 23.02 -12.88
CA LEU A 262 -13.79 24.27 -12.70
C LEU A 262 -12.46 24.10 -13.42
N LYS A 263 -12.07 25.10 -14.19
CA LYS A 263 -10.86 25.00 -14.99
C LYS A 263 -9.88 26.14 -14.66
N PRO A 264 -8.60 25.81 -14.41
CA PRO A 264 -7.59 26.87 -14.23
C PRO A 264 -7.23 27.53 -15.57
N VAL A 265 -7.19 28.86 -15.60
CA VAL A 265 -6.93 29.61 -16.83
C VAL A 265 -5.85 30.63 -16.53
N ILE A 266 -4.87 30.74 -17.42
CA ILE A 266 -3.87 31.80 -17.33
C ILE A 266 -4.40 33.05 -18.03
N LEU A 267 -4.54 34.12 -17.27
CA LEU A 267 -4.99 35.40 -17.81
C LEU A 267 -3.81 36.19 -18.34
N THR A 268 -3.99 36.85 -19.47
CA THR A 268 -2.98 37.79 -19.99
C THR A 268 -3.50 39.23 -20.07
N ASP A 269 -4.77 39.42 -19.74
CA ASP A 269 -5.36 40.74 -19.55
C ASP A 269 -4.64 41.44 -18.39
N GLY A 270 -3.55 42.14 -18.69
CA GLY A 270 -2.73 42.74 -17.63
C GLY A 270 -1.69 41.78 -17.09
N PRO A 271 -1.31 41.92 -15.81
CA PRO A 271 -0.29 41.03 -15.22
C PRO A 271 -0.76 39.59 -15.23
N GLU A 272 0.13 38.68 -15.65
CA GLU A 272 -0.21 37.29 -15.81
C GLU A 272 -0.55 36.62 -14.48
N ARG A 273 -1.66 35.89 -14.45
CA ARG A 273 -2.13 35.22 -13.26
C ARG A 273 -3.07 34.08 -13.63
N VAL A 274 -3.29 33.18 -12.68
CA VAL A 274 -4.18 32.04 -12.89
C VAL A 274 -5.47 32.21 -12.10
N ILE A 275 -6.59 32.02 -12.78
CA ILE A 275 -7.90 32.04 -12.13
C ILE A 275 -8.53 30.68 -12.22
N LEU A 276 -9.51 30.41 -11.36
CA LEU A 276 -10.36 29.22 -11.51
C LEU A 276 -11.67 29.64 -12.18
N ALA A 277 -11.81 29.26 -13.45
CA ALA A 277 -12.92 29.66 -14.28
C ALA A 277 -14.02 28.60 -14.26
N GLY A 278 -15.27 29.04 -14.25
CA GLY A 278 -16.40 28.14 -14.38
C GLY A 278 -17.36 28.17 -13.20
N PRO A 279 -18.12 27.08 -12.97
CA PRO A 279 -18.17 25.83 -13.76
C PRO A 279 -18.40 26.05 -15.26
N ILE A 280 -17.65 25.32 -16.08
CA ILE A 280 -17.83 25.33 -17.53
C ILE A 280 -18.03 23.88 -18.00
N PRO A 281 -18.64 23.70 -19.19
CA PRO A 281 -18.84 22.35 -19.71
C PRO A 281 -17.52 21.55 -19.80
N VAL A 282 -17.59 20.26 -19.49
CA VAL A 282 -16.47 19.36 -19.74
C VAL A 282 -16.25 19.17 -21.24
N THR A 283 -15.11 18.63 -21.62
CA THR A 283 -14.84 18.29 -23.01
C THR A 283 -15.64 17.05 -23.40
N PRO A 284 -15.92 16.86 -24.71
CA PRO A 284 -16.61 15.66 -25.21
C PRO A 284 -15.95 14.34 -24.76
N ALA A 285 -14.63 14.34 -24.64
CA ALA A 285 -13.87 13.16 -24.20
C ALA A 285 -14.22 12.78 -22.76
N SER A 286 -14.30 13.78 -21.89
CA SER A 286 -14.70 13.55 -20.50
C SER A 286 -16.13 13.09 -20.34
N ALA A 287 -17.04 13.67 -21.12
CA ALA A 287 -18.44 13.26 -21.08
C ALA A 287 -18.57 11.81 -21.55
N ALA A 288 -17.89 11.48 -22.65
CA ALA A 288 -17.77 10.10 -23.19
C ALA A 288 -17.22 9.07 -22.19
N GLN A 289 -16.18 9.46 -21.47
CA GLN A 289 -15.51 8.63 -20.45
C GLN A 289 -16.40 8.38 -19.25
N ARG A 290 -17.08 9.43 -18.77
CA ARG A 290 -18.01 9.33 -17.67
C ARG A 290 -19.21 8.46 -18.02
N ARG A 291 -19.84 8.70 -19.17
CA ARG A 291 -20.90 7.86 -19.71
C ARG A 291 -20.43 6.41 -19.81
N GLY A 292 -19.18 6.23 -20.23
CA GLY A 292 -18.54 4.94 -20.41
C GLY A 292 -18.42 4.07 -19.17
N ARG A 293 -18.72 4.62 -17.99
CA ARG A 293 -18.73 3.82 -16.75
C ARG A 293 -19.93 2.88 -16.69
N ILE A 294 -20.95 3.14 -17.53
CA ILE A 294 -22.08 2.20 -17.63
C ILE A 294 -22.30 1.63 -19.05
N GLY A 295 -23.31 0.77 -19.21
CA GLY A 295 -23.49 -0.02 -20.43
C GLY A 295 -22.30 -0.93 -20.73
N ARG A 296 -21.59 -1.35 -19.69
CA ARG A 296 -20.37 -2.17 -19.85
C ARG A 296 -20.65 -3.66 -19.81
N ASN A 297 -21.87 -4.01 -19.37
CA ASN A 297 -22.27 -5.39 -19.17
C ASN A 297 -23.33 -5.80 -20.19
N PRO A 298 -22.98 -6.70 -21.14
CA PRO A 298 -23.91 -7.19 -22.17
C PRO A 298 -25.19 -7.81 -21.62
N ALA A 299 -25.10 -8.38 -20.41
CA ALA A 299 -26.25 -9.02 -19.78
C ALA A 299 -27.21 -8.02 -19.15
N GLN A 300 -26.71 -6.83 -18.83
CA GLN A 300 -27.50 -5.77 -18.19
C GLN A 300 -27.84 -4.70 -19.24
N GLU A 301 -29.09 -4.69 -19.70
CA GLU A 301 -29.47 -3.99 -20.93
C GLU A 301 -30.10 -2.60 -20.81
N ASP A 302 -30.51 -2.20 -19.61
CA ASP A 302 -31.12 -0.86 -19.50
C ASP A 302 -30.37 0.13 -18.60
N ASP A 303 -29.09 0.33 -18.90
CA ASP A 303 -28.27 1.32 -18.20
C ASP A 303 -28.62 2.74 -18.64
N GLN A 304 -28.48 3.68 -17.72
CA GLN A 304 -28.87 5.07 -17.96
C GLN A 304 -27.69 6.01 -17.81
N TYR A 305 -27.63 7.00 -18.71
CA TYR A 305 -26.72 8.11 -18.56
C TYR A 305 -27.52 9.40 -18.51
N VAL A 306 -27.58 10.00 -17.32
CA VAL A 306 -28.34 11.23 -17.16
C VAL A 306 -27.37 12.40 -17.14
N PHE A 307 -27.52 13.29 -18.11
CA PHE A 307 -26.60 14.40 -18.31
C PHE A 307 -27.34 15.72 -18.37
N SER A 308 -26.56 16.79 -18.23
CA SER A 308 -27.07 18.13 -18.37
C SER A 308 -26.15 18.94 -19.26
N GLY A 309 -26.70 19.46 -20.35
CA GLY A 309 -25.99 20.40 -21.21
C GLY A 309 -25.05 19.81 -22.25
N ASP A 310 -24.64 20.65 -23.20
CA ASP A 310 -23.67 20.27 -24.22
C ASP A 310 -22.26 20.29 -23.65
N PRO A 311 -21.36 19.39 -24.14
CA PRO A 311 -19.96 19.58 -23.77
C PRO A 311 -19.30 20.69 -24.59
N LEU A 312 -18.13 21.13 -24.16
CA LEU A 312 -17.40 22.18 -24.85
C LEU A 312 -16.06 21.66 -25.32
N LYS A 313 -15.91 21.60 -26.64
CA LYS A 313 -14.71 21.08 -27.29
C LYS A 313 -13.48 21.94 -27.03
N ASN A 314 -13.65 23.26 -27.08
CA ASN A 314 -12.52 24.19 -26.95
C ASN A 314 -11.95 24.27 -25.53
N ASP A 315 -10.73 23.76 -25.34
CA ASP A 315 -10.05 23.93 -24.06
C ASP A 315 -8.66 24.56 -24.21
N GLU A 316 -8.53 25.47 -25.16
CA GLU A 316 -7.23 26.09 -25.42
C GLU A 316 -6.80 27.08 -24.35
N ASP A 317 -7.76 27.62 -23.61
CA ASP A 317 -7.45 28.58 -22.54
C ASP A 317 -7.13 27.94 -21.18
N HIS A 318 -7.29 26.62 -21.08
CA HIS A 318 -6.94 25.88 -19.87
C HIS A 318 -5.43 25.93 -19.68
N ALA A 319 -5.03 26.09 -18.43
CA ALA A 319 -3.64 26.27 -18.03
C ALA A 319 -2.76 25.05 -18.34
N HIS A 320 -3.38 23.87 -18.46
CA HIS A 320 -2.61 22.62 -18.54
C HIS A 320 -1.71 22.51 -19.77
N TRP A 321 -2.11 23.13 -20.87
CA TRP A 321 -1.29 23.13 -22.09
C TRP A 321 0.02 23.88 -21.89
N THR A 322 -0.06 25.06 -21.27
CA THR A 322 1.13 25.83 -20.94
C THR A 322 1.95 25.08 -19.88
N GLU A 323 1.27 24.51 -18.88
CA GLU A 323 1.99 23.87 -17.79
C GLU A 323 2.71 22.60 -18.24
N ALA A 324 2.16 21.90 -19.22
CA ALA A 324 2.78 20.72 -19.83
C ALA A 324 4.08 21.09 -20.52
N LYS A 325 4.11 22.26 -21.17
CA LYS A 325 5.33 22.74 -21.82
C LYS A 325 6.35 23.19 -20.79
N MET A 326 5.90 23.80 -19.70
CA MET A 326 6.80 24.21 -18.63
C MET A 326 7.55 22.99 -18.09
N LEU A 327 6.83 21.89 -17.89
CA LEU A 327 7.43 20.64 -17.47
C LEU A 327 8.34 20.02 -18.52
N LEU A 328 7.86 19.94 -19.77
CA LEU A 328 8.59 19.25 -20.84
C LEU A 328 9.90 19.97 -21.26
N ASP A 329 9.88 21.31 -21.26
CA ASP A 329 11.07 22.13 -21.53
C ASP A 329 12.20 21.89 -20.49
N ASN A 330 11.90 21.12 -19.46
CA ASN A 330 12.86 20.89 -18.38
C ASN A 330 13.14 19.41 -18.14
N ILE A 331 12.64 18.59 -19.07
CA ILE A 331 12.97 17.19 -19.15
C ILE A 331 13.94 16.93 -20.31
N TYR A 332 14.91 16.05 -20.08
CA TYR A 332 15.90 15.70 -21.07
C TYR A 332 16.04 14.19 -21.20
N THR A 333 16.22 13.73 -22.43
CA THR A 333 16.55 12.35 -22.72
C THR A 333 18.02 12.11 -22.38
N PRO A 334 18.44 10.83 -22.24
CA PRO A 334 19.80 10.50 -21.83
C PRO A 334 20.82 10.96 -22.87
N GLU A 335 20.32 11.21 -24.08
CA GLU A 335 21.11 11.75 -25.17
C GLU A 335 21.24 13.27 -25.08
N GLY A 336 20.43 13.89 -24.22
CA GLY A 336 20.50 15.33 -24.03
C GLY A 336 19.42 16.12 -24.72
N ILE A 337 18.62 15.43 -25.54
CA ILE A 337 17.53 16.09 -26.25
C ILE A 337 16.30 16.40 -25.37
N ILE A 338 15.73 17.59 -25.57
CA ILE A 338 14.49 17.99 -24.92
C ILE A 338 13.33 17.50 -25.81
N PRO A 339 12.39 16.75 -25.24
CA PRO A 339 11.29 16.26 -26.06
C PRO A 339 10.35 17.37 -26.54
N THR A 340 9.68 17.10 -27.64
CA THR A 340 8.55 17.91 -28.09
C THR A 340 7.27 17.18 -27.68
N LEU A 341 6.16 17.91 -27.63
CA LEU A 341 4.85 17.32 -27.32
C LEU A 341 4.45 16.25 -28.32
N PHE A 342 3.63 15.33 -27.86
CA PHE A 342 3.03 14.34 -28.73
C PHE A 342 2.27 15.07 -29.84
N GLY A 343 2.63 14.75 -31.08
CA GLY A 343 1.96 15.23 -32.31
C GLY A 343 0.63 15.95 -32.21
N PRO A 344 -0.48 15.21 -31.95
CA PRO A 344 -1.83 15.81 -31.84
C PRO A 344 -2.00 16.96 -30.82
N GLU A 345 -1.05 17.12 -29.90
CA GLU A 345 -1.17 18.09 -28.81
C GLU A 345 -0.25 19.31 -28.99
N ARG A 346 0.41 19.38 -30.14
CA ARG A 346 1.24 20.52 -30.49
C ARG A 346 0.38 21.72 -30.89
N GLU A 347 0.87 22.92 -30.61
CA GLU A 347 0.15 24.17 -30.92
C GLU A 347 -1.26 24.24 -30.32
N LYS A 348 -1.40 23.72 -29.09
CA LYS A 348 -2.60 23.90 -28.29
C LYS A 348 -2.53 25.28 -27.63
N THR A 349 -1.32 25.69 -27.24
CA THR A 349 -1.01 27.13 -27.04
C THR A 349 0.19 27.50 -27.90
N GLN A 350 0.24 28.77 -28.32
CA GLN A 350 1.32 29.28 -29.17
C GLN A 350 2.53 29.64 -28.30
N ALA A 351 3.34 28.62 -28.02
CA ALA A 351 4.49 28.78 -27.13
C ALA A 351 5.77 28.46 -27.84
N ILE A 352 6.72 29.40 -27.80
CA ILE A 352 8.03 29.23 -28.43
C ILE A 352 8.72 28.02 -27.79
N ASP A 353 9.41 27.24 -28.62
CA ASP A 353 10.04 26.00 -28.17
C ASP A 353 11.21 26.33 -27.25
N GLY A 354 11.26 25.65 -26.10
CA GLY A 354 12.35 25.83 -25.14
C GLY A 354 12.28 27.13 -24.36
N GLU A 355 11.16 27.83 -24.46
CA GLU A 355 11.02 29.09 -23.74
C GLU A 355 10.75 28.95 -22.23
N PHE A 356 10.53 27.71 -21.78
CA PHE A 356 10.36 27.44 -20.34
C PHE A 356 11.56 26.71 -19.73
N ARG A 357 12.65 26.64 -20.48
CA ARG A 357 13.86 25.95 -20.07
C ARG A 357 14.53 26.71 -18.93
N LEU A 358 14.72 26.03 -17.81
CA LEU A 358 15.33 26.64 -16.63
C LEU A 358 16.75 26.15 -16.50
N ARG A 359 17.60 26.98 -15.88
CA ARG A 359 19.02 26.69 -15.73
C ARG A 359 19.35 26.17 -14.34
N GLY A 360 20.08 25.06 -14.28
CA GLY A 360 20.75 24.60 -13.06
C GLY A 360 19.92 24.56 -11.79
N GLU A 361 20.30 25.39 -10.80
CA GLU A 361 19.60 25.47 -9.51
C GLU A 361 18.13 25.82 -9.67
N GLN A 362 17.82 26.58 -10.70
CA GLN A 362 16.45 27.01 -11.00
C GLN A 362 15.51 25.85 -11.29
N ARG A 363 16.02 24.83 -11.97
CA ARG A 363 15.23 23.65 -12.31
C ARG A 363 14.96 22.80 -11.07
N LYS A 364 15.96 22.67 -10.19
CA LYS A 364 15.81 21.98 -8.91
C LYS A 364 14.76 22.64 -8.00
N THR A 365 14.76 23.97 -7.98
CA THR A 365 13.81 24.73 -7.17
C THR A 365 12.39 24.50 -7.69
N PHE A 366 12.25 24.60 -9.00
CA PHE A 366 10.99 24.34 -9.72
C PHE A 366 10.35 23.04 -9.29
N VAL A 367 11.16 21.97 -9.27
CA VAL A 367 10.73 20.64 -8.87
C VAL A 367 10.37 20.62 -7.38
N GLU A 368 11.26 21.16 -6.54
CA GLU A 368 11.00 21.29 -5.10
C GLU A 368 9.67 21.97 -4.79
N LEU A 369 9.38 23.06 -5.50
CA LEU A 369 8.17 23.84 -5.24
C LEU A 369 6.91 23.04 -5.54
N MET A 370 6.99 22.13 -6.51
CA MET A 370 5.86 21.28 -6.85
C MET A 370 5.71 20.10 -5.88
N ARG A 371 6.81 19.40 -5.64
CA ARG A 371 6.80 18.16 -4.88
C ARG A 371 6.74 18.34 -3.36
N ARG A 372 7.51 19.30 -2.85
CA ARG A 372 7.52 19.62 -1.42
C ARG A 372 6.54 20.74 -1.07
N GLY A 373 6.51 21.76 -1.92
CA GLY A 373 5.67 22.94 -1.70
C GLY A 373 4.20 22.73 -2.01
N ASP A 374 3.88 21.72 -2.81
CA ASP A 374 2.52 21.43 -3.27
C ASP A 374 1.96 22.55 -4.14
N LEU A 375 2.84 23.33 -4.78
CA LEU A 375 2.40 24.46 -5.59
C LEU A 375 2.14 24.03 -7.04
N PRO A 376 1.18 24.69 -7.72
CA PRO A 376 0.91 24.39 -9.11
C PRO A 376 2.12 24.61 -10.00
N VAL A 377 2.10 24.02 -11.20
CA VAL A 377 3.20 24.13 -12.15
C VAL A 377 3.52 25.58 -12.49
N TRP A 378 2.48 26.35 -12.78
CA TRP A 378 2.63 27.73 -13.22
C TRP A 378 3.26 28.61 -12.16
N LEU A 379 2.77 28.50 -10.93
CA LEU A 379 3.29 29.28 -9.80
C LEU A 379 4.73 28.87 -9.48
N SER A 380 4.96 27.56 -9.41
CA SER A 380 6.29 27.02 -9.25
C SER A 380 7.24 27.53 -10.32
N TYR A 381 6.81 27.54 -11.58
CA TYR A 381 7.65 28.07 -12.66
C TYR A 381 7.98 29.56 -12.48
N LYS A 382 6.96 30.35 -12.18
CA LYS A 382 7.15 31.78 -11.91
C LYS A 382 8.15 32.06 -10.78
N VAL A 383 8.05 31.33 -9.68
CA VAL A 383 8.97 31.52 -8.57
C VAL A 383 10.38 31.07 -8.96
N ALA A 384 10.48 29.87 -9.53
CA ALA A 384 11.78 29.29 -9.89
C ALA A 384 12.55 30.15 -10.90
N SER A 385 11.85 30.60 -11.94
CA SER A 385 12.45 31.38 -13.02
C SER A 385 12.86 32.77 -12.57
N ALA A 386 12.38 33.19 -11.41
CA ALA A 386 12.75 34.49 -10.84
C ALA A 386 14.06 34.42 -10.06
N GLY A 387 14.62 33.21 -9.94
CA GLY A 387 15.88 33.00 -9.21
C GLY A 387 15.72 32.89 -7.70
N ILE A 388 14.50 32.67 -7.25
CA ILE A 388 14.19 32.47 -5.83
C ILE A 388 14.47 31.00 -5.44
N SER A 389 15.12 30.76 -4.30
CA SER A 389 15.29 29.37 -3.85
C SER A 389 14.08 28.86 -3.04
N TYR A 390 13.94 27.54 -2.93
CA TYR A 390 12.75 26.92 -2.33
C TYR A 390 12.36 27.49 -0.96
N LYS A 391 13.35 27.68 -0.08
CA LYS A 391 13.09 28.13 1.30
C LYS A 391 12.90 29.64 1.46
N ASP A 392 13.17 30.38 0.39
CA ASP A 392 13.00 31.85 0.40
C ASP A 392 11.54 32.26 0.10
N ARG A 393 10.82 32.64 1.14
CA ARG A 393 9.39 32.91 1.07
C ARG A 393 9.03 34.40 0.95
N GLU A 394 10.02 35.26 0.70
CA GLU A 394 9.77 36.70 0.61
C GLU A 394 8.77 37.09 -0.50
N TRP A 395 8.78 36.34 -1.60
CA TRP A 395 7.84 36.57 -2.69
C TRP A 395 6.36 36.53 -2.27
N CYS A 396 6.06 35.85 -1.17
CA CYS A 396 4.68 35.69 -0.66
C CYS A 396 4.12 36.99 -0.05
N PHE A 397 4.97 37.99 0.10
CA PHE A 397 4.64 39.16 0.86
C PHE A 397 4.91 40.45 0.09
N THR A 398 5.56 40.33 -1.07
CA THR A 398 6.08 41.50 -1.77
C THR A 398 5.31 41.88 -3.03
N GLY A 399 4.12 41.32 -3.22
CA GLY A 399 3.29 41.64 -4.38
C GLY A 399 2.70 43.04 -4.34
N GLU A 400 2.11 43.47 -5.45
CA GLU A 400 1.35 44.73 -5.47
C GLU A 400 0.15 44.64 -4.54
N ARG A 401 -0.36 45.80 -4.12
CA ARG A 401 -1.52 45.90 -3.22
C ARG A 401 -2.73 45.06 -3.67
N ASN A 402 -2.93 44.98 -5.00
CA ASN A 402 -4.02 44.20 -5.57
C ASN A 402 -3.87 42.69 -5.36
N ASN A 403 -2.66 42.25 -5.01
CA ASN A 403 -2.41 40.84 -4.73
C ASN A 403 -2.69 40.39 -3.30
N GLN A 404 -3.13 41.31 -2.45
CA GLN A 404 -3.49 40.99 -1.07
C GLN A 404 -4.55 39.89 -1.05
N ILE A 405 -4.31 38.82 -0.27
CA ILE A 405 -5.26 37.73 -0.19
C ILE A 405 -6.28 38.01 0.90
N LEU A 406 -7.54 37.78 0.57
CA LEU A 406 -8.66 37.94 1.50
C LEU A 406 -9.30 36.62 1.86
N GLU A 407 -9.64 36.47 3.13
CA GLU A 407 -10.37 35.32 3.61
C GLU A 407 -11.47 35.81 4.52
N GLU A 408 -12.72 35.47 4.19
CA GLU A 408 -13.87 36.03 4.90
C GLU A 408 -13.82 37.56 4.94
N ASN A 409 -13.39 38.17 3.82
CA ASN A 409 -13.34 39.64 3.70
C ASN A 409 -12.28 40.34 4.56
N MET A 410 -11.37 39.56 5.15
CA MET A 410 -10.34 40.14 5.99
C MET A 410 -9.01 39.83 5.36
N GLU A 411 -8.11 40.79 5.48
CA GLU A 411 -6.78 40.67 4.94
C GLU A 411 -6.04 39.55 5.67
N VAL A 412 -5.63 38.54 4.91
CA VAL A 412 -4.88 37.43 5.48
C VAL A 412 -3.51 37.87 5.99
N GLU A 413 -3.26 37.57 7.26
CA GLU A 413 -1.95 37.81 7.86
C GLU A 413 -1.27 36.51 8.21
N ILE A 414 0.05 36.52 8.09
CA ILE A 414 0.92 35.35 8.30
C ILE A 414 1.83 35.70 9.47
N TRP A 415 1.98 34.74 10.39
CA TRP A 415 3.07 34.79 11.33
C TRP A 415 4.18 33.90 10.80
N THR A 416 5.34 34.49 10.52
CA THR A 416 6.47 33.75 9.96
C THR A 416 7.20 32.93 11.02
N ARG A 417 8.03 31.99 10.56
CA ARG A 417 8.89 31.19 11.44
C ARG A 417 9.67 32.03 12.46
N GLU A 418 9.97 33.28 12.13
CA GLU A 418 10.72 34.17 13.01
C GLU A 418 9.84 35.10 13.81
N GLY A 419 8.54 34.84 13.80
CA GLY A 419 7.58 35.62 14.58
C GLY A 419 7.21 36.98 14.04
N GLU A 420 7.47 37.19 12.74
CA GLU A 420 7.06 38.40 12.03
C GLU A 420 5.64 38.24 11.58
N LYS A 421 4.83 39.28 11.73
CA LYS A 421 3.48 39.28 11.22
C LYS A 421 3.44 40.07 9.91
N LYS A 422 3.17 39.37 8.81
CA LYS A 422 3.21 39.95 7.47
C LYS A 422 1.89 39.68 6.75
N LYS A 423 1.49 40.62 5.90
CA LYS A 423 0.29 40.46 5.08
C LYS A 423 0.61 39.55 3.91
N LEU A 424 -0.28 38.59 3.66
CA LEU A 424 -0.14 37.65 2.56
C LEU A 424 -0.52 38.33 1.24
N ARG A 425 0.50 38.58 0.43
CA ARG A 425 0.35 39.44 -0.73
C ARG A 425 1.39 38.94 -1.74
N PRO A 426 1.10 37.78 -2.37
CA PRO A 426 2.11 37.12 -3.20
C PRO A 426 2.38 37.86 -4.48
N LYS A 427 3.62 37.78 -4.94
CA LYS A 427 4.05 38.43 -6.16
C LYS A 427 3.33 37.84 -7.40
N TRP A 428 3.07 36.54 -7.37
CA TRP A 428 2.28 35.90 -8.43
C TRP A 428 1.02 35.27 -7.86
N LEU A 429 -0.08 35.48 -8.57
CA LEU A 429 -1.38 35.02 -8.11
C LEU A 429 -1.84 33.79 -8.87
N ASP A 430 -2.08 32.72 -8.14
CA ASP A 430 -2.63 31.50 -8.70
C ASP A 430 -3.78 31.11 -7.78
N ALA A 431 -5.00 31.22 -8.30
CA ALA A 431 -6.20 30.98 -7.49
C ALA A 431 -6.25 29.58 -6.88
N ARG A 432 -5.48 28.64 -7.45
CA ARG A 432 -5.44 27.28 -6.92
C ARG A 432 -4.88 27.20 -5.52
N VAL A 433 -4.03 28.15 -5.12
CA VAL A 433 -3.52 28.14 -3.77
C VAL A 433 -4.33 28.96 -2.79
N TYR A 434 -5.36 29.67 -3.26
CA TYR A 434 -6.14 30.46 -2.32
C TYR A 434 -7.66 30.35 -2.39
N ALA A 435 -8.20 29.73 -3.43
CA ALA A 435 -9.64 29.70 -3.67
C ALA A 435 -10.36 28.87 -2.63
N ASP A 436 -10.08 27.56 -2.63
CA ASP A 436 -10.60 26.66 -1.62
C ASP A 436 -9.92 26.98 -0.28
N PRO A 437 -10.71 27.07 0.81
CA PRO A 437 -10.18 27.38 2.13
C PRO A 437 -9.07 26.44 2.63
N MET A 438 -9.15 25.15 2.31
CA MET A 438 -8.11 24.19 2.72
C MET A 438 -6.83 24.40 1.91
N ALA A 439 -6.98 24.69 0.62
CA ALA A 439 -5.84 25.09 -0.20
C ALA A 439 -5.15 26.35 0.37
N LEU A 440 -5.94 27.34 0.77
CA LEU A 440 -5.39 28.54 1.41
C LEU A 440 -4.67 28.24 2.72
N LYS A 441 -5.22 27.34 3.54
CA LYS A 441 -4.53 26.95 4.79
C LYS A 441 -3.15 26.38 4.50
N ASP A 442 -3.07 25.55 3.46
CA ASP A 442 -1.82 24.94 3.01
C ASP A 442 -0.83 26.00 2.54
N PHE A 443 -1.33 27.00 1.82
CA PHE A 443 -0.49 28.06 1.30
C PHE A 443 -0.04 29.03 2.39
N LYS A 444 -0.88 29.20 3.40
CA LYS A 444 -0.47 29.92 4.62
C LYS A 444 0.69 29.21 5.34
N GLU A 445 0.60 27.88 5.45
CA GLU A 445 1.68 27.05 5.98
C GLU A 445 2.96 27.25 5.17
N PHE A 446 2.87 27.13 3.86
CA PHE A 446 3.97 27.40 2.96
C PHE A 446 4.59 28.81 3.16
N ALA A 447 3.75 29.85 3.14
CA ALA A 447 4.24 31.21 3.30
C ALA A 447 4.86 31.46 4.68
N SER A 448 4.42 30.70 5.67
CA SER A 448 4.97 30.73 7.04
C SER A 448 6.38 30.17 7.17
N GLY A 449 6.80 29.36 6.20
CA GLY A 449 8.06 28.61 6.32
C GLY A 449 7.88 27.25 6.99
N ARG A 450 6.64 26.77 7.06
CA ARG A 450 6.33 25.50 7.72
C ARG A 450 6.18 24.33 6.74
N LYS A 451 6.40 24.60 5.45
CA LYS A 451 6.59 23.58 4.42
C LYS A 451 7.88 23.87 3.66
N GLY B 1 -14.22 7.71 31.71
CA GLY B 1 -14.92 6.47 31.29
C GLY B 1 -15.28 6.48 29.82
N SER B 2 -15.87 5.38 29.35
CA SER B 2 -16.33 5.28 27.97
C SER B 2 -17.53 4.35 27.86
N ALA B 3 -18.16 4.35 26.70
CA ALA B 3 -19.11 3.31 26.34
C ALA B 3 -18.30 2.17 25.74
N MET B 4 -18.93 1.01 25.59
CA MET B 4 -18.35 -0.10 24.84
C MET B 4 -17.91 0.37 23.45
N GLY B 5 -16.77 -0.10 23.00
CA GLY B 5 -16.34 0.20 21.63
C GLY B 5 -15.92 1.63 21.31
N GLU B 6 -16.25 2.57 22.19
CA GLU B 6 -15.72 3.92 22.04
C GLU B 6 -14.48 4.09 22.92
N PRO B 7 -13.44 4.77 22.40
CA PRO B 7 -12.26 4.97 23.25
C PRO B 7 -12.58 5.83 24.49
N ASP B 8 -11.92 5.51 25.60
CA ASP B 8 -12.08 6.25 26.84
C ASP B 8 -11.64 7.71 26.65
N TYR B 9 -12.41 8.64 27.17
CA TYR B 9 -12.02 10.04 27.14
C TYR B 9 -10.93 10.30 28.17
N GLU B 10 -10.85 9.43 29.18
CA GLU B 10 -9.88 9.55 30.26
C GLU B 10 -8.73 8.58 30.04
N VAL B 11 -7.53 9.12 29.97
CA VAL B 11 -6.32 8.32 29.87
C VAL B 11 -5.38 8.64 31.04
N ASP B 12 -4.99 7.60 31.77
CA ASP B 12 -4.06 7.68 32.89
C ASP B 12 -2.77 8.45 32.53
N GLU B 13 -2.45 9.49 33.30
CA GLU B 13 -1.20 10.27 33.13
C GLU B 13 0.04 9.39 33.29
N ASP B 14 -0.08 8.43 34.22
CA ASP B 14 0.96 7.48 34.59
C ASP B 14 1.66 6.84 33.40
N ILE B 15 0.89 6.49 32.36
CA ILE B 15 1.41 5.71 31.23
C ILE B 15 2.40 6.45 30.32
N PHE B 16 2.42 7.78 30.40
CA PHE B 16 3.32 8.60 29.55
C PHE B 16 4.64 8.97 30.25
N ARG B 17 4.76 8.60 31.52
CA ARG B 17 5.97 8.86 32.29
C ARG B 17 7.16 8.12 31.69
N LYS B 18 8.16 8.86 31.23
CA LYS B 18 9.45 8.26 30.88
C LYS B 18 9.91 7.41 32.06
N LYS B 19 10.53 6.27 31.77
CA LYS B 19 10.89 5.24 32.76
C LYS B 19 9.78 4.25 33.12
N ARG B 20 8.56 4.51 32.64
CA ARG B 20 7.41 3.62 32.87
C ARG B 20 7.18 2.66 31.71
N LEU B 21 7.11 1.37 32.03
CA LEU B 21 6.70 0.35 31.08
C LEU B 21 5.40 -0.26 31.63
N THR B 22 4.32 -0.12 30.87
CA THR B 22 3.01 -0.60 31.28
C THR B 22 2.67 -1.86 30.50
N ILE B 23 2.32 -2.92 31.21
CA ILE B 23 1.86 -4.14 30.59
C ILE B 23 0.34 -4.21 30.74
N MET B 24 -0.38 -4.07 29.64
CA MET B 24 -1.81 -4.19 29.64
C MET B 24 -2.19 -5.59 29.18
N ASP B 25 -2.48 -6.44 30.15
CA ASP B 25 -2.71 -7.87 29.88
C ASP B 25 -4.18 -8.29 29.89
N LEU B 26 -5.06 -7.48 29.32
CA LEU B 26 -6.47 -7.78 29.29
C LEU B 26 -6.75 -8.99 28.41
N HIS B 27 -7.77 -9.78 28.78
CA HIS B 27 -8.15 -10.97 28.03
C HIS B 27 -8.45 -10.68 26.53
N PRO B 28 -8.41 -11.72 25.67
CA PRO B 28 -8.71 -11.51 24.25
C PRO B 28 -10.09 -10.93 24.06
N GLY B 29 -10.19 -9.97 23.14
CA GLY B 29 -11.46 -9.33 22.80
C GLY B 29 -11.86 -8.22 23.75
N ALA B 30 -10.97 -7.88 24.69
CA ALA B 30 -11.25 -6.84 25.68
C ALA B 30 -11.30 -5.45 25.08
N GLY B 31 -10.63 -5.25 23.95
CA GLY B 31 -10.63 -3.97 23.26
C GLY B 31 -9.30 -3.25 23.29
N LYS B 32 -8.20 -4.01 23.33
CA LYS B 32 -6.86 -3.43 23.47
C LYS B 32 -6.45 -2.68 22.20
N THR B 33 -6.65 -3.31 21.05
CA THR B 33 -6.31 -2.72 19.75
C THR B 33 -7.31 -1.65 19.32
N LYS B 34 -8.59 -1.89 19.54
CA LYS B 34 -9.64 -1.10 18.92
C LYS B 34 -10.34 -0.09 19.82
N ARG B 35 -10.06 -0.14 21.11
CA ARG B 35 -10.66 0.76 22.06
C ARG B 35 -9.56 1.49 22.81
N ILE B 36 -8.67 0.73 23.42
CA ILE B 36 -7.61 1.25 24.27
C ILE B 36 -6.54 2.03 23.48
N LEU B 37 -6.04 1.40 22.41
CA LEU B 37 -5.04 2.00 21.52
C LEU B 37 -5.40 3.40 20.97
N PRO B 38 -6.62 3.57 20.39
CA PRO B 38 -7.06 4.91 19.97
C PRO B 38 -7.04 5.97 21.09
N SER B 39 -7.45 5.59 22.30
CA SER B 39 -7.40 6.46 23.47
C SER B 39 -5.99 6.95 23.73
N ILE B 40 -5.04 6.02 23.69
CA ILE B 40 -3.64 6.34 23.95
C ILE B 40 -3.09 7.26 22.86
N VAL B 41 -3.37 6.91 21.59
CA VAL B 41 -2.89 7.70 20.45
C VAL B 41 -3.41 9.14 20.46
N ARG B 42 -4.72 9.33 20.61
CA ARG B 42 -5.33 10.67 20.76
C ARG B 42 -4.65 11.46 21.85
N GLU B 43 -4.46 10.82 23.01
CA GLU B 43 -3.81 11.47 24.16
C GLU B 43 -2.33 11.80 23.92
N ALA B 44 -1.61 10.90 23.24
CA ALA B 44 -0.21 11.12 22.85
C ALA B 44 -0.06 12.29 21.87
N LEU B 45 -1.02 12.42 20.97
CA LEU B 45 -1.06 13.51 20.02
C LEU B 45 -1.24 14.88 20.70
N LYS B 46 -2.12 14.95 21.70
CA LYS B 46 -2.33 16.15 22.51
C LYS B 46 -1.09 16.55 23.31
N ARG B 47 -0.33 15.56 23.77
CA ARG B 47 0.90 15.82 24.53
C ARG B 47 2.10 16.02 23.58
N ARG B 48 1.82 15.95 22.28
CA ARG B 48 2.82 16.04 21.19
C ARG B 48 4.00 15.08 21.38
N LEU B 49 3.69 13.84 21.75
CA LEU B 49 4.71 12.82 21.94
C LEU B 49 5.05 12.16 20.62
N ARG B 50 6.34 11.99 20.37
CA ARG B 50 6.80 11.25 19.20
C ARG B 50 6.56 9.76 19.46
N THR B 51 5.60 9.19 18.73
CA THR B 51 5.04 7.87 19.06
C THR B 51 5.27 6.83 17.97
N LEU B 52 5.50 5.59 18.40
CA LEU B 52 5.62 4.44 17.54
C LEU B 52 4.62 3.37 17.94
N ILE B 53 3.81 2.89 17.00
CA ILE B 53 2.90 1.78 17.25
C ILE B 53 3.36 0.55 16.48
N LEU B 54 3.43 -0.59 17.16
CA LEU B 54 4.02 -1.79 16.58
C LEU B 54 3.02 -2.94 16.55
N ALA B 55 2.80 -3.46 15.34
CA ALA B 55 1.93 -4.62 15.10
C ALA B 55 2.81 -5.83 14.76
N PRO B 56 2.44 -7.03 15.24
CA PRO B 56 3.26 -8.21 14.88
C PRO B 56 3.14 -8.63 13.42
N THR B 57 1.95 -8.51 12.86
CA THR B 57 1.68 -8.92 11.48
C THR B 57 0.77 -7.88 10.83
N ARG B 58 0.59 -7.99 9.52
CA ARG B 58 -0.29 -7.11 8.75
C ARG B 58 -1.77 -7.24 9.12
N VAL B 59 -2.14 -8.40 9.68
CA VAL B 59 -3.50 -8.62 10.19
C VAL B 59 -3.79 -7.67 11.35
N VAL B 60 -2.88 -7.62 12.32
CA VAL B 60 -3.03 -6.68 13.42
C VAL B 60 -2.96 -5.23 12.94
N ALA B 61 -2.06 -4.94 12.01
CA ALA B 61 -1.94 -3.60 11.42
C ALA B 61 -3.24 -3.13 10.78
N ALA B 62 -3.88 -4.02 10.01
CA ALA B 62 -5.17 -3.73 9.36
C ALA B 62 -6.30 -3.49 10.36
N GLU B 63 -6.28 -4.19 11.50
CA GLU B 63 -7.24 -3.99 12.59
C GLU B 63 -7.01 -2.65 13.28
N MET B 64 -5.74 -2.30 13.46
CA MET B 64 -5.35 -1.00 14.02
C MET B 64 -5.83 0.15 13.16
N GLU B 65 -5.61 0.04 11.84
CA GLU B 65 -6.03 1.06 10.89
C GLU B 65 -7.53 1.34 11.01
N GLU B 66 -8.33 0.28 11.08
CA GLU B 66 -9.78 0.42 11.25
C GLU B 66 -10.15 1.28 12.46
N ALA B 67 -9.43 1.06 13.57
CA ALA B 67 -9.66 1.77 14.83
C ALA B 67 -9.07 3.18 14.85
N LEU B 68 -7.97 3.38 14.15
CA LEU B 68 -7.24 4.64 14.17
C LEU B 68 -7.56 5.53 12.98
N ARG B 69 -8.48 5.06 12.14
CA ARG B 69 -8.84 5.75 10.90
C ARG B 69 -9.31 7.20 11.14
N GLY B 70 -8.66 8.15 10.48
CA GLY B 70 -8.97 9.57 10.64
C GLY B 70 -7.92 10.36 11.41
N LEU B 71 -7.02 9.65 12.08
CA LEU B 71 -5.93 10.28 12.85
C LEU B 71 -4.64 10.42 12.02
N PRO B 72 -3.84 11.49 12.26
CA PRO B 72 -2.60 11.73 11.51
C PRO B 72 -1.46 10.76 11.84
N ILE B 73 -1.50 9.57 11.24
CA ILE B 73 -0.54 8.51 11.49
C ILE B 73 0.17 8.14 10.19
N ARG B 74 1.51 8.05 10.23
CA ARG B 74 2.27 7.53 9.09
C ARG B 74 2.40 6.01 9.19
N TYR B 75 1.75 5.30 8.28
CA TYR B 75 1.78 3.85 8.26
C TYR B 75 2.95 3.35 7.44
N GLN B 76 3.84 2.59 8.07
CA GLN B 76 5.00 2.05 7.39
C GLN B 76 4.84 0.55 7.19
N THR B 77 3.76 0.19 6.50
CA THR B 77 3.38 -1.19 6.24
C THR B 77 2.53 -1.27 4.96
N PRO B 78 2.87 -2.23 4.06
CA PRO B 78 2.06 -2.53 2.89
C PRO B 78 0.64 -3.03 3.21
N ALA B 79 0.29 -3.13 4.48
CA ALA B 79 -1.09 -3.46 4.86
C ALA B 79 -2.00 -2.23 4.77
N VAL B 80 -1.40 -1.04 4.91
CA VAL B 80 -2.15 0.20 4.88
C VAL B 80 -1.57 1.15 3.84
N LYS B 81 -2.42 1.62 2.93
CA LYS B 81 -2.05 2.67 1.98
C LYS B 81 -2.64 3.99 2.46
N SER B 82 -1.78 4.98 2.68
CA SER B 82 -2.20 6.24 3.28
C SER B 82 -1.46 7.49 2.83
N ASP B 83 -2.19 8.61 2.81
CA ASP B 83 -1.60 9.93 2.65
C ASP B 83 -0.69 10.20 3.85
N HIS B 84 0.62 10.22 3.61
CA HIS B 84 1.54 10.66 4.65
C HIS B 84 1.96 12.11 4.36
N THR B 85 1.54 12.99 5.26
CA THR B 85 1.77 14.44 5.13
C THR B 85 3.25 14.78 5.37
N GLY B 86 3.97 13.88 6.05
CA GLY B 86 5.37 14.08 6.38
C GLY B 86 5.55 14.77 7.72
N ARG B 87 4.47 15.35 8.24
CA ARG B 87 4.49 16.07 9.51
C ARG B 87 3.80 15.29 10.62
N GLU B 88 3.65 13.98 10.42
CA GLU B 88 3.11 13.08 11.43
C GLU B 88 4.13 12.80 12.52
N ILE B 89 3.66 12.74 13.75
CA ILE B 89 4.52 12.40 14.89
C ILE B 89 4.25 10.98 15.38
N VAL B 90 3.26 10.32 14.76
CA VAL B 90 2.89 8.95 15.07
C VAL B 90 3.27 8.05 13.90
N ASP B 91 4.11 7.04 14.16
CA ASP B 91 4.48 6.03 13.17
C ASP B 91 3.88 4.67 13.53
N LEU B 92 3.44 3.93 12.51
CA LEU B 92 2.93 2.58 12.70
C LEU B 92 3.66 1.61 11.79
N MET B 93 4.18 0.54 12.36
CA MET B 93 4.86 -0.49 11.58
C MET B 93 4.82 -1.86 12.24
N CYS B 94 5.24 -2.88 11.51
CA CYS B 94 5.33 -4.20 12.13
C CYS B 94 6.59 -4.31 12.98
N HIS B 95 6.56 -5.21 13.96
CA HIS B 95 7.66 -5.51 14.87
C HIS B 95 8.99 -5.69 14.17
N ALA B 96 9.00 -6.56 13.15
CA ALA B 96 10.20 -6.90 12.39
C ALA B 96 10.70 -5.76 11.51
N THR B 97 9.79 -4.92 11.03
CA THR B 97 10.14 -3.71 10.28
C THR B 97 10.99 -2.80 11.16
N PHE B 98 10.62 -2.69 12.43
CA PHE B 98 11.30 -1.82 13.37
C PHE B 98 12.72 -2.31 13.71
N THR B 99 12.83 -3.60 13.98
CA THR B 99 14.13 -4.21 14.20
C THR B 99 15.02 -4.07 12.96
N THR B 100 14.46 -4.27 11.77
CA THR B 100 15.21 -4.05 10.51
C THR B 100 15.76 -2.63 10.47
N ARG B 101 14.92 -1.66 10.81
CA ARG B 101 15.34 -0.26 10.81
C ARG B 101 16.43 -0.01 11.83
N LEU B 102 16.28 -0.60 13.01
CA LEU B 102 17.31 -0.51 14.05
C LEU B 102 18.64 -1.08 13.60
N LEU B 103 18.60 -2.08 12.72
CA LEU B 103 19.80 -2.76 12.25
C LEU B 103 20.48 -2.10 11.05
N SER B 104 19.70 -1.43 10.21
CA SER B 104 20.24 -0.84 8.99
C SER B 104 20.70 0.61 9.22
N SER B 105 21.48 1.13 8.28
CA SER B 105 22.22 2.40 8.46
C SER B 105 21.36 3.68 8.57
N THR B 106 20.04 3.54 8.53
CA THR B 106 19.15 4.69 8.68
C THR B 106 18.74 4.85 10.13
N ARG B 107 18.80 6.09 10.61
CA ARG B 107 18.50 6.42 11.99
C ARG B 107 16.99 6.50 12.22
N VAL B 108 16.53 5.85 13.28
CA VAL B 108 15.12 5.93 13.67
C VAL B 108 14.86 7.23 14.45
N PRO B 109 13.61 7.73 14.40
CA PRO B 109 13.21 8.80 15.29
C PRO B 109 13.42 8.43 16.76
N ASN B 110 13.75 9.41 17.57
CA ASN B 110 13.91 9.19 19.00
C ASN B 110 12.54 9.24 19.69
N TYR B 111 11.76 8.17 19.55
CA TYR B 111 10.38 8.10 20.05
C TYR B 111 10.30 8.30 21.54
N ASN B 112 9.29 9.08 21.97
CA ASN B 112 9.05 9.37 23.39
C ASN B 112 8.08 8.34 23.98
N LEU B 113 7.23 7.77 23.13
CA LEU B 113 6.26 6.77 23.53
C LEU B 113 6.24 5.64 22.53
N ILE B 114 6.26 4.41 23.04
CA ILE B 114 6.23 3.23 22.17
C ILE B 114 5.13 2.28 22.63
N VAL B 115 4.21 1.96 21.72
CA VAL B 115 3.13 1.03 22.00
C VAL B 115 3.33 -0.23 21.16
N MET B 116 3.57 -1.35 21.83
CA MET B 116 3.69 -2.63 21.17
C MET B 116 2.47 -3.52 21.42
N ASP B 117 1.67 -3.73 20.39
CA ASP B 117 0.58 -4.67 20.43
C ASP B 117 1.14 -6.08 20.25
N GLU B 118 0.53 -7.04 20.95
CA GLU B 118 0.95 -8.44 20.93
C GLU B 118 2.41 -8.60 21.36
N ALA B 119 2.70 -8.08 22.55
CA ALA B 119 4.05 -7.99 23.09
C ALA B 119 4.62 -9.31 23.61
N HIS B 120 3.91 -10.42 23.35
CA HIS B 120 4.41 -11.74 23.72
C HIS B 120 4.98 -12.46 22.48
N PHE B 121 4.76 -11.90 21.29
CA PHE B 121 5.22 -12.46 20.01
C PHE B 121 6.66 -12.94 20.11
N THR B 122 6.89 -14.23 19.83
CA THR B 122 8.22 -14.82 20.03
C THR B 122 9.08 -14.83 18.77
N ASP B 123 8.63 -14.15 17.71
CA ASP B 123 9.48 -13.92 16.54
C ASP B 123 10.77 -13.25 17.05
N PRO B 124 11.95 -13.71 16.59
CA PRO B 124 13.22 -13.14 17.05
C PRO B 124 13.35 -11.63 16.93
N CYS B 125 12.81 -11.05 15.87
CA CYS B 125 12.82 -9.60 15.66
C CYS B 125 11.94 -8.89 16.68
N SER B 126 10.87 -9.55 17.10
CA SER B 126 9.94 -9.01 18.09
C SER B 126 10.59 -9.02 19.46
N VAL B 127 11.18 -10.14 19.83
CA VAL B 127 11.90 -10.24 21.10
C VAL B 127 13.02 -9.18 21.17
N ALA B 128 13.75 -9.01 20.06
CA ALA B 128 14.83 -8.02 19.99
C ALA B 128 14.28 -6.60 20.09
N ALA B 129 13.15 -6.34 19.43
CA ALA B 129 12.48 -5.04 19.51
C ALA B 129 12.11 -4.70 20.93
N ARG B 130 11.65 -5.69 21.69
CA ARG B 130 11.30 -5.51 23.10
C ARG B 130 12.52 -5.24 23.97
N GLY B 131 13.65 -5.83 23.61
CA GLY B 131 14.90 -5.58 24.29
C GLY B 131 15.28 -4.12 24.16
N TYR B 132 15.21 -3.61 22.93
CA TYR B 132 15.54 -2.22 22.62
C TYR B 132 14.63 -1.24 23.38
N ILE B 133 13.33 -1.48 23.28
CA ILE B 133 12.31 -0.64 23.92
C ILE B 133 12.48 -0.58 25.43
N SER B 134 12.63 -1.73 26.08
CA SER B 134 12.82 -1.76 27.52
C SER B 134 14.10 -1.04 27.95
N THR B 135 15.11 -1.04 27.08
CA THR B 135 16.35 -0.32 27.33
C THR B 135 16.14 1.19 27.29
N ARG B 136 15.34 1.65 26.32
CA ARG B 136 14.99 3.07 26.18
C ARG B 136 14.22 3.57 27.39
N VAL B 137 13.28 2.76 27.87
CA VAL B 137 12.50 3.08 29.06
C VAL B 137 13.40 3.20 30.30
N GLU B 138 14.19 2.16 30.55
CA GLU B 138 15.14 2.18 31.67
C GLU B 138 16.06 3.39 31.65
N MET B 139 16.52 3.77 30.45
CA MET B 139 17.36 4.93 30.25
C MET B 139 16.60 6.24 30.46
N GLY B 140 15.30 6.16 30.67
CA GLY B 140 14.47 7.35 30.83
C GLY B 140 14.23 8.09 29.53
N GLU B 141 14.49 7.43 28.40
CA GLU B 141 14.30 8.09 27.10
C GLU B 141 12.87 7.92 26.57
N ALA B 142 12.13 6.96 27.12
CA ALA B 142 10.81 6.65 26.60
C ALA B 142 9.86 6.09 27.65
N ALA B 143 8.57 6.16 27.33
CA ALA B 143 7.55 5.43 28.04
C ALA B 143 7.06 4.37 27.07
N ALA B 144 6.68 3.21 27.59
CA ALA B 144 6.26 2.11 26.73
C ALA B 144 5.01 1.45 27.27
N ILE B 145 4.20 0.96 26.34
CA ILE B 145 3.05 0.14 26.68
C ILE B 145 3.16 -1.15 25.87
N PHE B 146 3.19 -2.27 26.59
CA PHE B 146 3.20 -3.61 25.99
C PHE B 146 1.80 -4.21 26.15
N MET B 147 1.10 -4.43 25.04
CA MET B 147 -0.27 -4.98 25.14
C MET B 147 -0.30 -6.43 24.74
N THR B 148 -0.85 -7.27 25.59
CA THR B 148 -0.96 -8.67 25.31
C THR B 148 -1.86 -9.38 26.29
N ALA B 149 -2.75 -10.21 25.76
CA ALA B 149 -3.58 -11.11 26.53
C ALA B 149 -2.79 -12.28 27.12
N THR B 150 -1.59 -12.51 26.60
CA THR B 150 -0.81 -13.67 27.03
C THR B 150 0.64 -13.28 27.33
N PRO B 151 0.87 -12.49 28.41
CA PRO B 151 2.19 -11.93 28.67
C PRO B 151 3.16 -13.02 29.10
N PRO B 152 4.47 -12.79 28.96
CA PRO B 152 5.38 -13.89 29.32
C PRO B 152 5.04 -14.50 30.67
N GLY B 153 5.06 -15.83 30.72
CA GLY B 153 4.68 -16.58 31.92
C GLY B 153 3.25 -17.09 31.92
N SER B 154 2.52 -16.89 30.82
CA SER B 154 1.13 -17.37 30.71
C SER B 154 1.10 -18.83 30.38
N ILE B 155 0.26 -19.57 31.09
CA ILE B 155 0.18 -20.99 30.86
C ILE B 155 -1.24 -21.51 30.73
N ASP B 156 -2.23 -20.62 30.86
CA ASP B 156 -3.63 -21.01 30.70
C ASP B 156 -4.07 -20.93 29.23
N PRO B 157 -4.39 -22.09 28.61
CA PRO B 157 -4.84 -22.08 27.22
C PRO B 157 -6.28 -21.60 27.04
N PHE B 158 -7.02 -21.49 28.14
CA PHE B 158 -8.45 -21.16 28.10
C PHE B 158 -8.81 -19.89 28.88
N PRO B 159 -8.25 -18.73 28.50
CA PRO B 159 -8.54 -17.54 29.32
C PRO B 159 -9.98 -17.02 29.17
N GLN B 160 -10.24 -15.88 29.80
CA GLN B 160 -11.53 -15.22 29.75
C GLN B 160 -11.82 -14.72 28.33
N SER B 161 -13.08 -14.83 27.95
CA SER B 161 -13.58 -14.31 26.67
C SER B 161 -14.85 -13.49 26.91
N ASN B 162 -15.26 -12.71 25.90
CA ASN B 162 -16.45 -11.86 25.99
C ASN B 162 -17.74 -12.66 26.03
N SER B 163 -17.69 -13.87 25.47
CA SER B 163 -18.86 -14.73 25.35
C SER B 163 -18.43 -16.17 25.62
N PRO B 164 -19.33 -17.01 26.17
CA PRO B 164 -18.89 -18.38 26.50
C PRO B 164 -18.38 -19.19 25.30
N ILE B 165 -17.36 -20.00 25.53
CA ILE B 165 -16.80 -20.85 24.50
C ILE B 165 -17.02 -22.32 24.85
N GLU B 166 -17.50 -23.08 23.89
CA GLU B 166 -17.61 -24.53 24.04
C GLU B 166 -16.30 -25.16 23.55
N ASP B 167 -15.47 -25.60 24.50
CA ASP B 167 -14.17 -26.22 24.19
C ASP B 167 -14.32 -27.73 23.94
N ILE B 168 -13.99 -28.15 22.73
CA ILE B 168 -14.15 -29.54 22.31
C ILE B 168 -12.80 -30.14 21.91
N GLU B 169 -12.44 -31.26 22.51
CA GLU B 169 -11.28 -32.00 22.05
C GLU B 169 -11.73 -33.12 21.10
N ARG B 170 -11.23 -33.08 19.86
CA ARG B 170 -11.48 -34.10 18.83
C ARG B 170 -10.22 -34.33 18.04
N GLU B 171 -10.16 -35.44 17.32
CA GLU B 171 -9.14 -35.65 16.31
C GLU B 171 -9.36 -34.70 15.11
N ILE B 172 -8.30 -33.99 14.73
CA ILE B 172 -8.35 -33.04 13.64
C ILE B 172 -7.39 -33.50 12.54
N PRO B 173 -7.85 -33.56 11.28
CA PRO B 173 -6.98 -34.06 10.21
C PRO B 173 -5.89 -33.07 9.84
N GLU B 174 -4.68 -33.57 9.56
N GLU B 174 -4.71 -33.58 9.51
CA GLU B 174 -3.58 -32.71 9.09
CA GLU B 174 -3.58 -32.74 9.11
C GLU B 174 -3.56 -32.60 7.57
C GLU B 174 -3.43 -32.67 7.59
N ARG B 175 -4.07 -33.62 6.90
CA ARG B 175 -4.07 -33.69 5.43
C ARG B 175 -5.50 -33.81 4.92
N SER B 176 -5.66 -34.03 3.61
CA SER B 176 -6.97 -34.32 3.02
C SER B 176 -7.58 -35.57 3.64
N TRP B 177 -8.91 -35.62 3.65
CA TRP B 177 -9.66 -36.77 4.13
C TRP B 177 -10.78 -37.06 3.15
N ASN B 178 -11.16 -38.32 3.03
CA ASN B 178 -12.26 -38.69 2.15
C ASN B 178 -13.54 -38.96 2.92
N THR B 179 -13.40 -39.33 4.19
CA THR B 179 -14.50 -39.67 5.08
C THR B 179 -14.07 -39.50 6.53
N GLY B 180 -15.01 -39.72 7.46
CA GLY B 180 -14.71 -39.79 8.88
C GLY B 180 -14.80 -38.49 9.65
N PHE B 181 -14.80 -37.36 8.93
CA PHE B 181 -14.77 -36.04 9.58
C PHE B 181 -15.93 -35.17 9.17
N ASP B 182 -17.13 -35.74 9.24
CA ASP B 182 -18.35 -35.05 8.82
C ASP B 182 -18.65 -33.79 9.64
N TRP B 183 -18.34 -33.84 10.94
CA TRP B 183 -18.56 -32.70 11.84
C TRP B 183 -17.92 -31.39 11.33
N ILE B 184 -16.84 -31.51 10.56
CA ILE B 184 -16.17 -30.36 9.93
C ILE B 184 -17.08 -29.67 8.92
N THR B 185 -17.75 -30.45 8.08
CA THR B 185 -18.56 -29.93 6.99
C THR B 185 -20.06 -29.81 7.28
N ASP B 186 -20.53 -30.48 8.34
CA ASP B 186 -21.94 -30.35 8.77
C ASP B 186 -22.20 -29.07 9.56
N TYR B 187 -21.15 -28.49 10.14
CA TYR B 187 -21.27 -27.25 10.91
C TYR B 187 -21.83 -26.13 10.06
N GLN B 188 -22.77 -25.37 10.62
CA GLN B 188 -23.53 -24.38 9.84
C GLN B 188 -22.88 -22.99 9.76
N GLY B 189 -22.15 -22.58 10.80
CA GLY B 189 -21.56 -21.24 10.84
C GLY B 189 -20.23 -21.05 10.13
N LYS B 190 -19.42 -20.13 10.65
CA LYS B 190 -18.16 -19.75 10.03
C LYS B 190 -16.99 -20.27 10.86
N THR B 191 -16.01 -20.89 10.19
CA THR B 191 -14.91 -21.58 10.87
C THR B 191 -13.55 -20.98 10.48
N VAL B 192 -12.69 -20.80 11.48
CA VAL B 192 -11.29 -20.45 11.26
C VAL B 192 -10.44 -21.68 11.64
N TRP B 193 -9.67 -22.15 10.69
CA TRP B 193 -8.86 -23.35 10.87
C TRP B 193 -7.39 -22.96 10.76
N PHE B 194 -6.63 -23.20 11.82
CA PHE B 194 -5.20 -22.90 11.81
C PHE B 194 -4.39 -24.07 11.30
N VAL B 195 -3.49 -23.79 10.37
CA VAL B 195 -2.65 -24.84 9.76
C VAL B 195 -1.18 -24.47 9.98
N PRO B 196 -0.31 -25.47 10.17
CA PRO B 196 1.12 -25.18 10.46
C PRO B 196 1.91 -24.62 9.28
N SER B 197 1.42 -24.80 8.05
CA SER B 197 2.13 -24.38 6.85
C SER B 197 1.17 -23.97 5.74
N ILE B 198 1.66 -23.24 4.74
CA ILE B 198 0.83 -22.85 3.59
C ILE B 198 0.50 -24.09 2.74
N LYS B 199 1.46 -24.99 2.61
CA LYS B 199 1.29 -26.25 1.90
C LYS B 199 0.12 -27.06 2.49
N ALA B 200 0.13 -27.22 3.81
CA ALA B 200 -0.92 -27.94 4.53
C ALA B 200 -2.25 -27.23 4.35
N GLY B 201 -2.19 -25.91 4.29
CA GLY B 201 -3.36 -25.07 4.08
C GLY B 201 -3.98 -25.30 2.72
N ASN B 202 -3.14 -25.39 1.68
CA ASN B 202 -3.60 -25.64 0.31
C ASN B 202 -4.33 -26.99 0.20
N ASP B 203 -3.76 -28.02 0.83
CA ASP B 203 -4.33 -29.36 0.87
C ASP B 203 -5.73 -29.35 1.48
N ILE B 204 -5.84 -28.80 2.68
CA ILE B 204 -7.10 -28.76 3.43
C ILE B 204 -8.16 -27.90 2.74
N ALA B 205 -7.75 -26.74 2.23
CA ALA B 205 -8.68 -25.83 1.55
C ALA B 205 -9.23 -26.43 0.26
N ASN B 206 -8.38 -27.17 -0.44
CA ASN B 206 -8.76 -27.93 -1.63
C ASN B 206 -9.86 -28.94 -1.30
N CYS B 207 -9.69 -29.61 -0.15
CA CYS B 207 -10.59 -30.63 0.33
C CYS B 207 -11.97 -30.06 0.67
N LEU B 208 -11.98 -28.90 1.34
CA LEU B 208 -13.22 -28.21 1.69
C LEU B 208 -13.97 -27.69 0.46
N ARG B 209 -13.22 -27.25 -0.55
CA ARG B 209 -13.83 -26.70 -1.75
C ARG B 209 -14.66 -27.72 -2.53
N LYS B 210 -14.17 -28.95 -2.63
CA LYS B 210 -14.91 -30.03 -3.30
C LYS B 210 -16.03 -30.59 -2.41
N SER B 211 -16.27 -29.94 -1.28
CA SER B 211 -17.41 -30.24 -0.42
C SER B 211 -18.42 -29.10 -0.51
N GLY B 212 -18.18 -28.19 -1.44
CA GLY B 212 -19.07 -27.05 -1.69
C GLY B 212 -18.88 -25.89 -0.73
N LYS B 213 -17.75 -25.86 -0.04
CA LYS B 213 -17.45 -24.81 0.91
C LYS B 213 -16.68 -23.64 0.30
N ARG B 214 -17.14 -22.43 0.61
CA ARG B 214 -16.44 -21.19 0.26
C ARG B 214 -15.26 -20.97 1.22
N VAL B 215 -14.05 -21.03 0.67
CA VAL B 215 -12.83 -21.06 1.46
C VAL B 215 -11.86 -19.91 1.13
N ILE B 216 -11.56 -19.10 2.15
CA ILE B 216 -10.52 -18.08 2.05
C ILE B 216 -9.24 -18.62 2.68
N GLN B 217 -8.16 -18.63 1.92
CA GLN B 217 -6.85 -19.00 2.43
C GLN B 217 -6.06 -17.75 2.82
N LEU B 218 -5.55 -17.75 4.05
CA LEU B 218 -4.78 -16.61 4.56
C LEU B 218 -3.37 -16.99 4.94
N SER B 219 -2.41 -16.22 4.46
CA SER B 219 -0.99 -16.34 4.82
C SER B 219 -0.25 -15.10 4.33
N ARG B 220 1.06 -15.07 4.57
CA ARG B 220 1.90 -13.97 4.09
C ARG B 220 1.73 -13.75 2.57
N LYS B 221 1.47 -14.83 1.84
CA LYS B 221 1.43 -14.79 0.39
C LYS B 221 0.10 -14.30 -0.18
N THR B 222 -0.98 -14.56 0.56
CA THR B 222 -2.32 -14.24 0.08
C THR B 222 -2.99 -13.10 0.85
N PHE B 223 -2.27 -12.51 1.83
CA PHE B 223 -2.87 -11.50 2.70
C PHE B 223 -3.55 -10.33 1.97
N ASP B 224 -2.80 -9.66 1.10
CA ASP B 224 -3.27 -8.41 0.50
C ASP B 224 -4.58 -8.59 -0.25
N THR B 225 -4.73 -9.74 -0.90
CA THR B 225 -5.91 -10.06 -1.68
C THR B 225 -7.04 -10.66 -0.82
N GLU B 226 -6.68 -11.51 0.13
CA GLU B 226 -7.66 -12.35 0.84
C GLU B 226 -8.23 -11.77 2.13
N TYR B 227 -7.49 -10.88 2.80
CA TYR B 227 -7.96 -10.38 4.09
C TYR B 227 -9.23 -9.52 4.01
N PRO B 228 -9.32 -8.60 3.02
CA PRO B 228 -10.57 -7.85 2.82
C PRO B 228 -11.79 -8.74 2.57
N LYS B 229 -11.56 -9.92 1.98
CA LYS B 229 -12.64 -10.88 1.74
C LYS B 229 -13.20 -11.49 3.03
N THR B 230 -12.38 -11.51 4.08
CA THR B 230 -12.83 -11.99 5.39
C THR B 230 -13.67 -10.93 6.09
N LYS B 231 -13.52 -9.68 5.66
CA LYS B 231 -14.26 -8.55 6.24
C LYS B 231 -15.57 -8.33 5.51
N LEU B 232 -15.46 -7.87 4.27
CA LEU B 232 -16.60 -7.36 3.47
C LEU B 232 -17.48 -8.44 2.83
N THR B 233 -16.94 -9.65 2.65
CA THR B 233 -17.67 -10.76 2.03
C THR B 233 -18.19 -11.74 3.09
N ASP B 234 -19.06 -12.66 2.67
CA ASP B 234 -19.47 -13.79 3.50
C ASP B 234 -18.88 -15.11 2.97
N TRP B 235 -18.41 -15.93 3.91
CA TRP B 235 -17.58 -17.10 3.61
C TRP B 235 -17.91 -18.22 4.58
N ASP B 236 -17.38 -19.41 4.32
CA ASP B 236 -17.61 -20.57 5.17
C ASP B 236 -16.38 -20.90 6.00
N PHE B 237 -15.22 -20.98 5.35
CA PHE B 237 -13.99 -21.28 6.07
C PHE B 237 -12.91 -20.25 5.80
N VAL B 238 -12.14 -19.91 6.83
CA VAL B 238 -10.85 -19.24 6.65
C VAL B 238 -9.80 -20.25 7.07
N VAL B 239 -9.00 -20.70 6.11
CA VAL B 239 -7.91 -21.60 6.41
C VAL B 239 -6.67 -20.72 6.48
N THR B 240 -6.06 -20.67 7.66
CA THR B 240 -5.04 -19.67 7.94
C THR B 240 -3.78 -20.19 8.63
N THR B 241 -2.63 -19.58 8.30
CA THR B 241 -1.41 -19.75 9.10
C THR B 241 -1.49 -18.85 10.33
N ASP B 242 -0.42 -18.79 11.08
CA ASP B 242 -0.36 -17.96 12.27
C ASP B 242 -0.29 -16.45 12.01
N ILE B 243 -0.40 -16.04 10.75
CA ILE B 243 -0.60 -14.62 10.42
C ILE B 243 -1.85 -14.09 11.13
N SER B 244 -2.81 -14.99 11.37
CA SER B 244 -4.08 -14.65 11.99
C SER B 244 -4.20 -15.07 13.46
N GLU B 245 -3.13 -15.65 14.01
CA GLU B 245 -3.13 -16.10 15.41
C GLU B 245 -3.54 -14.99 16.34
N MET B 246 -2.98 -13.80 16.14
CA MET B 246 -3.25 -12.64 16.97
C MET B 246 -4.12 -11.60 16.26
N GLY B 247 -4.86 -10.84 17.05
CA GLY B 247 -5.47 -9.61 16.60
C GLY B 247 -6.76 -9.69 15.80
N ALA B 248 -6.87 -10.72 14.97
CA ALA B 248 -7.93 -10.82 13.96
C ALA B 248 -9.34 -10.87 14.55
N ASN B 249 -10.24 -10.14 13.90
CA ASN B 249 -11.66 -10.11 14.23
C ASN B 249 -12.48 -10.68 13.07
N PHE B 250 -12.54 -12.02 13.00
CA PHE B 250 -13.18 -12.74 11.90
C PHE B 250 -14.70 -12.81 11.96
N ARG B 251 -15.25 -12.55 13.13
CA ARG B 251 -16.70 -12.68 13.39
C ARG B 251 -17.18 -14.10 13.01
N ALA B 252 -16.39 -15.08 13.47
CA ALA B 252 -16.60 -16.50 13.20
C ALA B 252 -17.34 -17.18 14.35
N GLY B 253 -17.82 -18.39 14.10
CA GLY B 253 -18.48 -19.21 15.12
C GLY B 253 -17.57 -20.25 15.76
N ARG B 254 -16.58 -20.72 15.01
CA ARG B 254 -15.80 -21.90 15.39
C ARG B 254 -14.33 -21.75 15.02
N VAL B 255 -13.44 -22.09 15.94
CA VAL B 255 -12.01 -22.27 15.64
C VAL B 255 -11.67 -23.78 15.63
N ILE B 256 -10.85 -24.19 14.66
CA ILE B 256 -10.28 -25.53 14.64
C ILE B 256 -8.78 -25.39 14.82
N ASP B 257 -8.26 -25.98 15.89
CA ASP B 257 -6.87 -25.77 16.25
C ASP B 257 -6.17 -27.12 16.53
N PRO B 258 -5.43 -27.63 15.53
CA PRO B 258 -4.63 -28.84 15.71
C PRO B 258 -3.53 -28.66 16.74
N ARG B 259 -3.20 -27.42 17.08
CA ARG B 259 -2.26 -27.12 18.17
C ARG B 259 -0.87 -27.70 17.87
N ARG B 260 -0.53 -27.73 16.58
CA ARG B 260 0.77 -28.22 16.11
C ARG B 260 1.52 -27.14 15.36
N CYS B 261 2.84 -27.24 15.36
CA CYS B 261 3.71 -26.32 14.61
C CYS B 261 5.06 -26.98 14.35
N LEU B 262 5.73 -26.55 13.29
CA LEU B 262 7.14 -26.92 13.09
C LEU B 262 7.98 -25.86 13.76
N LYS B 263 9.05 -26.27 14.43
CA LYS B 263 9.88 -25.35 15.19
C LYS B 263 11.34 -25.49 14.75
N PRO B 264 11.99 -24.36 14.42
CA PRO B 264 13.44 -24.44 14.19
C PRO B 264 14.21 -24.64 15.50
N VAL B 265 15.13 -25.61 15.53
CA VAL B 265 15.93 -25.90 16.72
C VAL B 265 17.41 -25.90 16.33
N ILE B 266 18.23 -25.23 17.14
CA ILE B 266 19.68 -25.28 16.97
C ILE B 266 20.22 -26.51 17.68
N LEU B 267 20.84 -27.42 16.93
CA LEU B 267 21.42 -28.63 17.51
C LEU B 267 22.86 -28.38 17.89
N THR B 268 23.26 -28.95 19.03
CA THR B 268 24.63 -28.89 19.54
C THR B 268 25.31 -30.27 19.55
N ASP B 269 24.51 -31.32 19.31
CA ASP B 269 24.97 -32.69 19.06
C ASP B 269 25.92 -32.72 17.88
N GLY B 270 27.20 -32.45 18.10
CA GLY B 270 28.14 -32.32 16.99
C GLY B 270 28.19 -30.91 16.39
N PRO B 271 28.48 -30.79 15.08
CA PRO B 271 28.56 -29.46 14.45
C PRO B 271 27.22 -28.75 14.53
N GLU B 272 27.27 -27.47 14.89
CA GLU B 272 26.07 -26.67 15.10
C GLU B 272 25.29 -26.50 13.80
N ARG B 273 23.99 -26.77 13.87
CA ARG B 273 23.12 -26.68 12.71
C ARG B 273 21.67 -26.51 13.15
N VAL B 274 20.82 -26.03 12.25
CA VAL B 274 19.42 -25.82 12.57
C VAL B 274 18.59 -26.84 11.83
N ILE B 275 17.65 -27.44 12.55
CA ILE B 275 16.70 -28.39 11.99
C ILE B 275 15.28 -27.87 12.17
N LEU B 276 14.35 -28.36 11.35
CA LEU B 276 12.93 -28.14 11.64
C LEU B 276 12.35 -29.34 12.39
N ALA B 277 12.09 -29.12 13.67
CA ALA B 277 11.58 -30.15 14.56
C ALA B 277 10.05 -30.15 14.58
N GLY B 278 9.46 -31.33 14.67
CA GLY B 278 8.02 -31.44 14.83
C GLY B 278 7.31 -32.22 13.73
N PRO B 279 5.99 -32.00 13.57
CA PRO B 279 5.20 -31.04 14.37
C PRO B 279 5.24 -31.33 15.87
N ILE B 280 5.32 -30.25 16.65
CA ILE B 280 5.32 -30.30 18.10
C ILE B 280 4.12 -29.46 18.56
N PRO B 281 3.59 -29.73 19.78
CA PRO B 281 2.51 -28.89 20.31
C PRO B 281 2.88 -27.40 20.42
N VAL B 282 1.91 -26.53 20.18
CA VAL B 282 2.11 -25.09 20.34
C VAL B 282 2.25 -24.74 21.82
N THR B 283 2.67 -23.52 22.12
CA THR B 283 2.69 -23.02 23.50
C THR B 283 1.27 -22.78 23.99
N PRO B 284 1.06 -22.75 25.31
CA PRO B 284 -0.24 -22.33 25.83
C PRO B 284 -0.68 -20.93 25.38
N ALA B 285 0.25 -19.99 25.22
CA ALA B 285 -0.06 -18.64 24.71
C ALA B 285 -0.68 -18.71 23.31
N SER B 286 -0.07 -19.49 22.44
CA SER B 286 -0.56 -19.67 21.08
C SER B 286 -1.92 -20.32 21.01
N ALA B 287 -2.16 -21.34 21.82
CA ALA B 287 -3.46 -22.00 21.85
C ALA B 287 -4.51 -21.02 22.35
N ALA B 288 -4.19 -20.27 23.41
CA ALA B 288 -5.04 -19.20 23.96
C ALA B 288 -5.40 -18.12 22.95
N GLN B 289 -4.40 -17.65 22.20
CA GLN B 289 -4.56 -16.66 21.13
C GLN B 289 -5.46 -17.15 19.99
N ARG B 290 -5.23 -18.39 19.54
CA ARG B 290 -6.06 -19.02 18.50
C ARG B 290 -7.51 -19.19 18.94
N ARG B 291 -7.70 -19.73 20.15
CA ARG B 291 -9.00 -19.86 20.76
C ARG B 291 -9.67 -18.48 20.88
N GLY B 292 -8.85 -17.46 21.15
CA GLY B 292 -9.29 -16.07 21.29
C GLY B 292 -9.93 -15.43 20.06
N ARG B 293 -9.82 -16.09 18.91
CA ARG B 293 -10.45 -15.61 17.67
C ARG B 293 -11.96 -15.73 17.74
N ILE B 294 -12.49 -16.58 18.62
CA ILE B 294 -13.94 -16.71 18.84
C ILE B 294 -14.39 -16.44 20.28
N GLY B 295 -15.69 -16.49 20.51
CA GLY B 295 -16.28 -16.00 21.75
C GLY B 295 -16.04 -14.52 21.99
N ARG B 296 -15.92 -13.75 20.91
CA ARG B 296 -15.60 -12.30 20.98
C ARG B 296 -16.85 -11.42 21.01
N ASN B 297 -17.97 -11.98 20.60
CA ASN B 297 -19.24 -11.26 20.51
C ASN B 297 -20.23 -11.72 21.59
N PRO B 298 -20.53 -10.82 22.56
CA PRO B 298 -21.48 -11.14 23.65
C PRO B 298 -22.89 -11.54 23.17
N ALA B 299 -23.28 -11.08 21.98
CA ALA B 299 -24.57 -11.43 21.40
C ALA B 299 -24.61 -12.84 20.83
N GLN B 300 -23.43 -13.36 20.47
CA GLN B 300 -23.26 -14.69 19.89
C GLN B 300 -22.73 -15.64 20.97
N GLU B 301 -23.60 -16.52 21.48
CA GLU B 301 -23.30 -17.24 22.72
C GLU B 301 -22.81 -18.69 22.61
N ASP B 302 -22.92 -19.32 21.45
CA ASP B 302 -22.43 -20.70 21.32
C ASP B 302 -21.24 -20.93 20.35
N ASP B 303 -20.18 -20.15 20.54
CA ASP B 303 -18.94 -20.32 19.80
C ASP B 303 -18.18 -21.57 20.26
N GLN B 304 -17.53 -22.23 19.31
CA GLN B 304 -16.78 -23.45 19.59
C GLN B 304 -15.28 -23.31 19.34
N TYR B 305 -14.51 -23.99 20.17
CA TYR B 305 -13.10 -24.15 19.93
C TYR B 305 -12.79 -25.63 19.91
N VAL B 306 -12.49 -26.17 18.72
CA VAL B 306 -12.19 -27.59 18.57
C VAL B 306 -10.68 -27.75 18.44
N PHE B 307 -10.10 -28.52 19.34
CA PHE B 307 -8.65 -28.59 19.44
C PHE B 307 -8.23 -30.05 19.62
N SER B 308 -6.95 -30.31 19.38
CA SER B 308 -6.39 -31.63 19.56
C SER B 308 -5.09 -31.53 20.36
N GLY B 309 -5.05 -32.19 21.51
CA GLY B 309 -3.81 -32.33 22.28
C GLY B 309 -3.51 -31.26 23.31
N ASP B 310 -2.55 -31.54 24.18
CA ASP B 310 -2.09 -30.60 25.19
C ASP B 310 -1.11 -29.62 24.54
N PRO B 311 -1.09 -28.35 25.00
CA PRO B 311 0.01 -27.49 24.56
C PRO B 311 1.31 -27.86 25.28
N LEU B 312 2.43 -27.35 24.79
CA LEU B 312 3.73 -27.61 25.39
C LEU B 312 4.34 -26.27 25.79
N LYS B 313 4.51 -26.10 27.10
CA LYS B 313 5.00 -24.87 27.70
C LYS B 313 6.46 -24.60 27.36
N ASN B 314 7.27 -25.65 27.36
CA ASN B 314 8.71 -25.52 27.17
C ASN B 314 9.13 -25.25 25.73
N ASP B 315 9.67 -24.05 25.48
CA ASP B 315 10.19 -23.69 24.15
C ASP B 315 11.65 -23.22 24.22
N GLU B 316 12.40 -23.76 25.17
CA GLU B 316 13.80 -23.37 25.38
C GLU B 316 14.73 -23.74 24.24
N ASP B 317 14.37 -24.81 23.52
CA ASP B 317 15.18 -25.31 22.39
C ASP B 317 14.92 -24.62 21.04
N HIS B 318 13.89 -23.78 20.98
CA HIS B 318 13.55 -23.03 19.76
C HIS B 318 14.67 -22.07 19.44
N ALA B 319 14.97 -21.95 18.15
CA ALA B 319 16.05 -21.11 17.66
C ALA B 319 15.84 -19.62 17.96
N HIS B 320 14.57 -19.21 18.13
CA HIS B 320 14.24 -17.78 18.20
C HIS B 320 14.89 -17.03 19.38
N TRP B 321 15.09 -17.72 20.50
CA TRP B 321 15.77 -17.10 21.65
C TRP B 321 17.23 -16.73 21.35
N THR B 322 17.97 -17.63 20.72
CA THR B 322 19.35 -17.35 20.32
C THR B 322 19.35 -16.30 19.22
N GLU B 323 18.45 -16.44 18.27
CA GLU B 323 18.37 -15.54 17.13
C GLU B 323 18.05 -14.09 17.55
N ALA B 324 17.17 -13.94 18.54
CA ALA B 324 16.88 -12.61 19.09
C ALA B 324 18.09 -11.95 19.74
N LYS B 325 19.01 -12.72 20.34
CA LYS B 325 20.25 -12.18 20.90
C LYS B 325 21.28 -11.85 19.82
N MET B 326 21.31 -12.66 18.77
CA MET B 326 22.14 -12.38 17.60
C MET B 326 21.79 -11.00 17.06
N LEU B 327 20.50 -10.70 16.97
CA LEU B 327 20.02 -9.39 16.51
C LEU B 327 20.28 -8.26 17.52
N LEU B 328 19.92 -8.47 18.79
CA LEU B 328 20.12 -7.44 19.83
C LEU B 328 21.57 -7.03 20.05
N ASP B 329 22.47 -8.01 20.03
CA ASP B 329 23.90 -7.78 20.20
C ASP B 329 24.50 -6.88 19.12
N ASN B 330 23.68 -6.59 18.11
CA ASN B 330 24.14 -5.78 16.97
C ASN B 330 23.28 -4.53 16.76
N ILE B 331 22.46 -4.21 17.77
CA ILE B 331 21.66 -3.00 17.78
C ILE B 331 22.20 -2.10 18.88
N TYR B 332 22.28 -0.81 18.58
CA TYR B 332 22.84 0.18 19.50
C TYR B 332 21.85 1.32 19.67
N THR B 333 21.71 1.85 20.88
CA THR B 333 20.96 3.09 21.05
C THR B 333 21.87 4.23 20.59
N PRO B 334 21.31 5.44 20.38
CA PRO B 334 22.10 6.61 19.97
C PRO B 334 23.22 7.00 20.96
N GLU B 335 23.07 6.56 22.21
CA GLU B 335 24.07 6.80 23.24
C GLU B 335 25.22 5.79 23.14
N GLY B 336 25.03 4.75 22.33
CA GLY B 336 26.05 3.72 22.10
C GLY B 336 25.81 2.45 22.87
N ILE B 337 24.77 2.45 23.68
CA ILE B 337 24.41 1.34 24.58
C ILE B 337 23.83 0.18 23.78
N ILE B 338 24.29 -1.03 24.06
CA ILE B 338 23.67 -2.22 23.50
C ILE B 338 22.56 -2.68 24.44
N PRO B 339 21.33 -2.83 23.92
CA PRO B 339 20.21 -3.25 24.75
C PRO B 339 20.35 -4.67 25.32
N THR B 340 19.76 -4.87 26.49
CA THR B 340 19.56 -6.20 27.06
C THR B 340 18.13 -6.61 26.76
N LEU B 341 17.85 -7.92 26.75
CA LEU B 341 16.50 -8.43 26.52
C LEU B 341 15.50 -7.91 27.55
N PHE B 342 14.24 -7.85 27.16
CA PHE B 342 13.14 -7.57 28.08
C PHE B 342 13.15 -8.58 29.23
N GLY B 343 13.21 -8.06 30.46
CA GLY B 343 13.21 -8.84 31.71
C GLY B 343 12.76 -10.29 31.65
N PRO B 344 11.44 -10.53 31.51
CA PRO B 344 10.83 -11.86 31.44
C PRO B 344 11.46 -12.84 30.43
N GLU B 345 12.22 -12.32 29.47
CA GLU B 345 12.76 -13.11 28.38
C GLU B 345 14.26 -13.35 28.46
N ARG B 346 14.87 -12.95 29.57
CA ARG B 346 16.29 -13.19 29.83
C ARG B 346 16.50 -14.62 30.32
N GLU B 347 17.67 -15.17 29.99
CA GLU B 347 18.04 -16.55 30.33
C GLU B 347 17.06 -17.60 29.81
N LYS B 348 16.54 -17.38 28.61
CA LYS B 348 15.77 -18.37 27.89
C LYS B 348 16.72 -19.36 27.22
N THR B 349 17.84 -18.83 26.74
CA THR B 349 19.04 -19.63 26.46
C THR B 349 20.23 -19.04 27.22
N GLN B 350 21.18 -19.89 27.59
CA GLN B 350 22.34 -19.48 28.38
C GLN B 350 23.40 -18.90 27.47
N ALA B 351 23.26 -17.62 27.14
CA ALA B 351 24.15 -16.96 26.19
C ALA B 351 24.88 -15.81 26.83
N ILE B 352 26.21 -15.85 26.73
CA ILE B 352 27.08 -14.79 27.26
C ILE B 352 26.67 -13.47 26.61
N ASP B 353 26.65 -12.40 27.40
CA ASP B 353 26.23 -11.11 26.88
C ASP B 353 27.27 -10.53 25.92
N GLY B 354 26.77 -10.04 24.78
CA GLY B 354 27.62 -9.43 23.75
C GLY B 354 28.43 -10.43 22.95
N GLU B 355 28.11 -11.72 23.08
CA GLU B 355 28.87 -12.74 22.36
C GLU B 355 28.47 -12.91 20.90
N PHE B 356 27.44 -12.17 20.47
CA PHE B 356 27.06 -12.16 19.07
C PHE B 356 27.36 -10.82 18.38
N ARG B 357 28.15 -9.99 19.07
CA ARG B 357 28.53 -8.65 18.60
C ARG B 357 29.43 -8.77 17.36
N LEU B 358 29.00 -8.17 16.27
CA LEU B 358 29.77 -8.20 15.02
C LEU B 358 30.51 -6.89 14.80
N ARG B 359 31.65 -6.96 14.14
CA ARG B 359 32.46 -5.77 13.86
C ARG B 359 32.18 -5.20 12.49
N GLY B 360 32.01 -3.87 12.43
CA GLY B 360 32.05 -3.09 11.18
C GLY B 360 31.36 -3.68 9.95
N GLU B 361 32.15 -4.04 8.94
CA GLU B 361 31.60 -4.63 7.70
C GLU B 361 30.81 -5.92 7.93
N GLN B 362 31.19 -6.69 8.95
CA GLN B 362 30.51 -7.95 9.27
C GLN B 362 29.06 -7.71 9.67
N ARG B 363 28.81 -6.60 10.34
CA ARG B 363 27.47 -6.23 10.77
C ARG B 363 26.57 -5.89 9.57
N LYS B 364 27.12 -5.19 8.58
CA LYS B 364 26.36 -4.82 7.39
C LYS B 364 26.08 -6.02 6.47
N THR B 365 27.00 -6.97 6.44
CA THR B 365 26.80 -8.21 5.70
C THR B 365 25.67 -9.02 6.34
N PHE B 366 25.69 -9.08 7.68
CA PHE B 366 24.68 -9.77 8.47
C PHE B 366 23.28 -9.32 8.12
N VAL B 367 23.10 -8.01 8.03
CA VAL B 367 21.82 -7.41 7.68
C VAL B 367 21.44 -7.71 6.23
N GLU B 368 22.41 -7.54 5.33
CA GLU B 368 22.20 -7.85 3.92
C GLU B 368 21.78 -9.29 3.67
N LEU B 369 22.39 -10.23 4.37
CA LEU B 369 22.01 -11.63 4.23
C LEU B 369 20.56 -11.93 4.64
N MET B 370 20.04 -11.18 5.61
CA MET B 370 18.64 -11.36 6.01
C MET B 370 17.72 -10.63 5.08
N ARG B 371 18.01 -9.36 4.81
CA ARG B 371 17.12 -8.48 4.03
C ARG B 371 17.11 -8.73 2.52
N ARG B 372 18.29 -8.84 1.91
CA ARG B 372 18.39 -9.14 0.48
C ARG B 372 18.48 -10.65 0.21
N GLY B 373 19.20 -11.36 1.09
CA GLY B 373 19.46 -12.79 0.91
C GLY B 373 18.30 -13.68 1.29
N ASP B 374 17.37 -13.16 2.10
CA ASP B 374 16.23 -13.94 2.61
C ASP B 374 16.65 -15.08 3.54
N LEU B 375 17.82 -14.95 4.18
CA LEU B 375 18.37 -16.03 4.97
C LEU B 375 17.98 -15.85 6.42
N PRO B 376 17.79 -16.97 7.14
CA PRO B 376 17.52 -16.96 8.58
C PRO B 376 18.58 -16.20 9.38
N VAL B 377 18.18 -15.74 10.57
CA VAL B 377 19.07 -15.00 11.45
C VAL B 377 20.33 -15.81 11.73
N TRP B 378 20.14 -17.08 12.11
CA TRP B 378 21.24 -17.96 12.52
C TRP B 378 22.26 -18.13 11.40
N LEU B 379 21.76 -18.48 10.22
CA LEU B 379 22.61 -18.73 9.07
C LEU B 379 23.34 -17.44 8.66
N SER B 380 22.58 -16.34 8.60
CA SER B 380 23.16 -15.04 8.30
C SER B 380 24.26 -14.70 9.28
N TYR B 381 24.03 -14.98 10.57
CA TYR B 381 25.07 -14.74 11.56
C TYR B 381 26.32 -15.58 11.34
N LYS B 382 26.12 -16.85 11.00
CA LYS B 382 27.24 -17.76 10.74
C LYS B 382 28.10 -17.28 9.57
N VAL B 383 27.44 -16.87 8.49
CA VAL B 383 28.16 -16.37 7.32
C VAL B 383 28.88 -15.06 7.65
N ALA B 384 28.15 -14.08 8.21
CA ALA B 384 28.74 -12.76 8.51
C ALA B 384 29.89 -12.80 9.52
N SER B 385 29.73 -13.57 10.59
CA SER B 385 30.79 -13.71 11.60
C SER B 385 32.02 -14.48 11.10
N ALA B 386 31.88 -15.16 9.94
CA ALA B 386 33.00 -15.84 9.31
C ALA B 386 33.88 -14.87 8.50
N GLY B 387 33.40 -13.65 8.30
CA GLY B 387 34.13 -12.63 7.53
C GLY B 387 33.86 -12.70 6.04
N ILE B 388 32.82 -13.46 5.66
CA ILE B 388 32.40 -13.58 4.26
C ILE B 388 31.51 -12.38 3.91
N SER B 389 31.70 -11.77 2.74
CA SER B 389 30.83 -10.66 2.32
C SER B 389 29.61 -11.17 1.58
N TYR B 390 28.58 -10.32 1.51
CA TYR B 390 27.26 -10.74 1.00
C TYR B 390 27.26 -11.44 -0.36
N LYS B 391 28.07 -10.96 -1.31
CA LYS B 391 28.08 -11.53 -2.66
C LYS B 391 29.07 -12.68 -2.87
N ASP B 392 29.89 -12.97 -1.86
CA ASP B 392 30.79 -14.11 -1.89
C ASP B 392 30.04 -15.39 -1.49
N ARG B 393 29.70 -16.21 -2.49
CA ARG B 393 28.88 -17.39 -2.26
C ARG B 393 29.63 -18.71 -2.18
N GLU B 394 30.96 -18.64 -2.00
CA GLU B 394 31.77 -19.86 -1.98
C GLU B 394 31.46 -20.79 -0.79
N TRP B 395 31.05 -20.21 0.33
CA TRP B 395 30.59 -20.99 1.49
C TRP B 395 29.46 -21.99 1.18
N CYS B 396 28.73 -21.75 0.10
CA CYS B 396 27.62 -22.62 -0.33
C CYS B 396 28.06 -23.94 -0.92
N PHE B 397 29.37 -24.07 -1.17
CA PHE B 397 29.94 -25.21 -1.89
C PHE B 397 31.09 -25.87 -1.15
N THR B 398 31.51 -25.28 -0.02
CA THR B 398 32.74 -25.73 0.66
C THR B 398 32.53 -26.48 1.96
N GLY B 399 31.31 -26.94 2.23
CA GLY B 399 31.02 -27.68 3.45
C GLY B 399 31.60 -29.09 3.38
N GLU B 400 31.53 -29.80 4.50
CA GLU B 400 31.86 -31.24 4.52
C GLU B 400 30.86 -32.04 3.69
N ARG B 401 31.28 -33.26 3.31
CA ARG B 401 30.47 -34.19 2.51
C ARG B 401 29.05 -34.39 3.04
N ASN B 402 28.94 -34.44 4.37
CA ASN B 402 27.66 -34.60 5.06
C ASN B 402 26.68 -33.45 4.90
N ASN B 403 27.19 -32.31 4.44
CA ASN B 403 26.39 -31.12 4.23
C ASN B 403 25.82 -31.01 2.80
N GLN B 404 26.09 -32.02 1.96
CA GLN B 404 25.54 -32.07 0.62
C GLN B 404 24.02 -32.03 0.68
N ILE B 405 23.40 -31.17 -0.12
CA ILE B 405 21.94 -31.10 -0.12
C ILE B 405 21.36 -32.06 -1.14
N LEU B 406 20.29 -32.74 -0.76
CA LEU B 406 19.58 -33.65 -1.62
C LEU B 406 18.20 -33.15 -1.93
N GLU B 407 17.80 -33.23 -3.20
CA GLU B 407 16.42 -32.99 -3.60
C GLU B 407 15.92 -34.16 -4.43
N GLU B 408 14.80 -34.76 -4.01
CA GLU B 408 14.30 -35.98 -4.65
C GLU B 408 15.39 -37.06 -4.71
N ASN B 409 16.15 -37.16 -3.62
CA ASN B 409 17.27 -38.11 -3.47
C ASN B 409 18.45 -37.95 -4.44
N MET B 410 18.52 -36.79 -5.09
CA MET B 410 19.62 -36.51 -6.00
C MET B 410 20.44 -35.37 -5.45
N GLU B 411 21.76 -35.47 -5.61
CA GLU B 411 22.67 -34.41 -5.18
C GLU B 411 22.36 -33.13 -5.95
N VAL B 412 22.04 -32.07 -5.20
CA VAL B 412 21.72 -30.79 -5.79
C VAL B 412 22.97 -30.16 -6.38
N GLU B 413 22.87 -29.79 -7.65
CA GLU B 413 23.92 -29.05 -8.34
C GLU B 413 23.45 -27.67 -8.78
N ILE B 414 24.42 -26.75 -8.76
CA ILE B 414 24.21 -25.32 -8.98
C ILE B 414 25.06 -24.91 -10.16
N TRP B 415 24.48 -24.16 -11.09
CA TRP B 415 25.25 -23.53 -12.13
C TRP B 415 25.43 -22.07 -11.75
N THR B 416 26.68 -21.70 -11.52
CA THR B 416 27.03 -20.38 -11.01
C THR B 416 26.96 -19.33 -12.12
N ARG B 417 26.88 -18.07 -11.73
CA ARG B 417 26.83 -16.97 -12.70
C ARG B 417 27.94 -17.05 -13.74
N GLU B 418 29.04 -17.74 -13.39
CA GLU B 418 30.22 -17.89 -14.25
C GLU B 418 30.16 -19.17 -15.09
N GLY B 419 29.05 -19.90 -14.98
CA GLY B 419 28.84 -21.13 -15.73
C GLY B 419 29.56 -22.34 -15.19
N GLU B 420 30.01 -22.27 -13.92
CA GLU B 420 30.57 -23.44 -13.27
C GLU B 420 29.47 -24.24 -12.61
N LYS B 421 29.60 -25.56 -12.69
CA LYS B 421 28.65 -26.49 -12.10
C LYS B 421 29.23 -27.01 -10.78
N LYS B 422 28.57 -26.70 -9.67
CA LYS B 422 29.07 -27.04 -8.34
C LYS B 422 28.00 -27.73 -7.51
N LYS B 423 28.43 -28.68 -6.68
CA LYS B 423 27.56 -29.35 -5.73
C LYS B 423 27.19 -28.42 -4.59
N LEU B 424 25.89 -28.36 -4.27
CA LEU B 424 25.40 -27.54 -3.18
C LEU B 424 25.68 -28.25 -1.87
N ARG B 425 26.66 -27.70 -1.15
CA ARG B 425 27.19 -28.33 0.03
C ARG B 425 27.63 -27.20 0.94
N PRO B 426 26.66 -26.54 1.61
CA PRO B 426 27.01 -25.35 2.38
C PRO B 426 27.76 -25.63 3.67
N LYS B 427 28.60 -24.69 4.08
CA LYS B 427 29.42 -24.80 5.28
C LYS B 427 28.55 -24.89 6.53
N TRP B 428 27.41 -24.17 6.51
CA TRP B 428 26.45 -24.19 7.62
C TRP B 428 25.10 -24.66 7.14
N LEU B 429 24.49 -25.55 7.90
CA LEU B 429 23.20 -26.13 7.55
C LEU B 429 22.06 -25.51 8.35
N ASP B 430 21.09 -24.94 7.65
CA ASP B 430 19.88 -24.44 8.27
C ASP B 430 18.74 -24.98 7.43
N ALA B 431 17.96 -25.89 8.00
CA ALA B 431 16.91 -26.60 7.28
C ALA B 431 15.86 -25.68 6.69
N ARG B 432 15.76 -24.48 7.24
CA ARG B 432 14.80 -23.49 6.76
C ARG B 432 15.09 -23.06 5.32
N VAL B 433 16.34 -23.19 4.89
CA VAL B 433 16.66 -22.88 3.50
C VAL B 433 16.55 -24.08 2.56
N TYR B 434 16.27 -25.28 3.08
CA TYR B 434 16.25 -26.44 2.19
C TYR B 434 15.12 -27.44 2.36
N ALA B 435 14.38 -27.35 3.46
CA ALA B 435 13.32 -28.32 3.79
C ALA B 435 12.16 -28.25 2.82
N ASP B 436 11.49 -27.10 2.80
CA ASP B 436 10.46 -26.83 1.81
C ASP B 436 11.09 -26.63 0.44
N PRO B 437 10.55 -27.31 -0.59
CA PRO B 437 11.09 -27.22 -1.95
C PRO B 437 11.19 -25.80 -2.52
N MET B 438 10.26 -24.91 -2.19
CA MET B 438 10.31 -23.54 -2.67
C MET B 438 11.40 -22.75 -1.98
N ALA B 439 11.59 -23.02 -0.69
CA ALA B 439 12.73 -22.47 0.06
C ALA B 439 14.06 -22.90 -0.58
N LEU B 440 14.15 -24.18 -0.94
CA LEU B 440 15.35 -24.69 -1.60
C LEU B 440 15.57 -24.03 -2.97
N LYS B 441 14.51 -23.79 -3.73
CA LYS B 441 14.65 -23.09 -5.02
C LYS B 441 15.24 -21.68 -4.81
N ASP B 442 14.73 -20.96 -3.81
CA ASP B 442 15.24 -19.65 -3.42
C ASP B 442 16.72 -19.72 -3.05
N PHE B 443 17.07 -20.76 -2.28
CA PHE B 443 18.43 -20.90 -1.82
C PHE B 443 19.38 -21.29 -2.96
N LYS B 444 18.86 -22.05 -3.93
CA LYS B 444 19.60 -22.34 -5.17
C LYS B 444 19.90 -21.06 -5.96
N GLU B 445 18.90 -20.17 -6.06
CA GLU B 445 19.10 -18.87 -6.68
C GLU B 445 20.17 -18.05 -5.97
N PHE B 446 20.10 -18.03 -4.64
CA PHE B 446 21.11 -17.38 -3.81
C PHE B 446 22.51 -17.96 -4.07
N ALA B 447 22.62 -19.28 -4.00
CA ALA B 447 23.88 -20.00 -4.26
C ALA B 447 24.46 -19.70 -5.65
N SER B 448 23.57 -19.54 -6.64
CA SER B 448 23.92 -19.19 -8.01
C SER B 448 24.55 -17.79 -8.18
N GLY B 449 24.29 -16.88 -7.24
CA GLY B 449 24.66 -15.48 -7.40
C GLY B 449 23.55 -14.65 -8.02
N ARG B 450 22.33 -15.19 -8.02
CA ARG B 450 21.18 -14.51 -8.62
C ARG B 450 20.34 -13.72 -7.62
N LYS B 451 20.80 -13.71 -6.37
CA LYS B 451 20.27 -12.81 -5.35
C LYS B 451 21.44 -12.13 -4.67
#